data_2KB9
#
_entry.id   2KB9
#
_entity_poly.entity_id   1
_entity_poly.type   'polypeptide(L)'
_entity_poly.pdbx_seq_one_letter_code
;RCQYGWQGLYCDKCIPHPGCVHGICNEPWQCLCETNWGGQLCDK
;
_entity_poly.pdbx_strand_id   A
#
# COMPACT_ATOMS: atom_id res chain seq x y z
N ARG A 1 -17.03 -9.44 -3.01
CA ARG A 1 -16.81 -8.04 -2.70
C ARG A 1 -15.34 -7.67 -2.84
N CYS A 2 -14.46 -8.59 -2.43
CA CYS A 2 -13.03 -8.38 -2.51
C CYS A 2 -12.26 -9.63 -2.10
N GLN A 3 -11.15 -9.88 -2.77
CA GLN A 3 -10.32 -11.05 -2.48
C GLN A 3 -8.95 -10.93 -3.14
N TYR A 4 -8.94 -10.46 -4.39
CA TYR A 4 -7.70 -10.31 -5.13
C TYR A 4 -7.09 -8.93 -4.89
N GLY A 5 -5.89 -8.92 -4.29
CA GLY A 5 -5.21 -7.67 -4.01
C GLY A 5 -5.80 -6.96 -2.81
N TRP A 6 -6.40 -7.73 -1.90
CA TRP A 6 -7.00 -7.15 -0.69
C TRP A 6 -6.94 -8.14 0.46
N GLN A 7 -6.07 -7.87 1.43
CA GLN A 7 -5.93 -8.74 2.58
C GLN A 7 -6.35 -8.03 3.86
N GLY A 8 -6.08 -8.65 5.01
CA GLY A 8 -6.44 -8.06 6.28
C GLY A 8 -7.59 -8.80 6.96
N LEU A 9 -7.92 -8.37 8.18
CA LEU A 9 -8.99 -8.99 8.94
C LEU A 9 -10.27 -9.08 8.11
N TYR A 10 -10.49 -8.08 7.26
CA TYR A 10 -11.67 -8.04 6.41
C TYR A 10 -11.30 -7.63 4.99
N CYS A 11 -11.01 -6.34 4.80
CA CYS A 11 -10.65 -5.83 3.49
C CYS A 11 -10.33 -4.33 3.57
N ASP A 12 -9.08 -4.01 3.83
CA ASP A 12 -8.66 -2.61 3.92
C ASP A 12 -7.14 -2.50 3.81
N LYS A 13 -6.58 -3.17 2.82
CA LYS A 13 -5.13 -3.15 2.59
C LYS A 13 -4.78 -3.76 1.23
N CYS A 14 -4.03 -3.01 0.43
CA CYS A 14 -3.62 -3.47 -0.89
C CYS A 14 -2.22 -4.07 -0.85
N ILE A 15 -1.84 -4.56 0.32
CA ILE A 15 -0.52 -5.17 0.50
C ILE A 15 0.59 -4.23 0.00
N PRO A 16 0.91 -3.22 0.82
CA PRO A 16 1.95 -2.24 0.48
C PRO A 16 3.35 -2.84 0.52
N HIS A 17 3.50 -3.93 1.26
CA HIS A 17 4.78 -4.61 1.38
C HIS A 17 5.41 -4.82 0.00
N PRO A 18 4.74 -5.62 -0.84
CA PRO A 18 5.21 -5.93 -2.19
C PRO A 18 5.13 -4.73 -3.12
N GLY A 19 6.14 -3.86 -3.06
CA GLY A 19 6.16 -2.68 -3.90
C GLY A 19 6.46 -1.42 -3.12
N CYS A 20 6.27 -1.47 -1.80
CA CYS A 20 6.51 -0.33 -0.94
C CYS A 20 6.97 -0.77 0.45
N VAL A 21 7.21 0.19 1.33
CA VAL A 21 7.64 -0.11 2.68
C VAL A 21 6.66 0.44 3.71
N HIS A 22 6.25 1.69 3.53
CA HIS A 22 5.31 2.33 4.44
C HIS A 22 4.36 3.24 3.68
N GLY A 23 3.40 3.82 4.39
CA GLY A 23 2.43 4.71 3.77
C GLY A 23 1.03 4.14 3.74
N ILE A 24 0.29 4.43 2.69
CA ILE A 24 -1.06 3.94 2.55
C ILE A 24 -1.41 3.68 1.08
N CYS A 25 -2.67 3.36 0.83
CA CYS A 25 -3.14 3.09 -0.53
C CYS A 25 -4.65 2.88 -0.56
N ASN A 26 -5.26 3.22 -1.69
CA ASN A 26 -6.71 3.07 -1.85
C ASN A 26 -7.03 2.05 -2.94
N GLU A 27 -6.11 1.89 -3.89
CA GLU A 27 -6.30 0.95 -4.99
C GLU A 27 -5.38 -0.25 -4.84
N PRO A 28 -5.72 -1.35 -5.54
CA PRO A 28 -4.94 -2.59 -5.50
C PRO A 28 -3.59 -2.44 -6.20
N TRP A 29 -2.53 -2.83 -5.52
CA TRP A 29 -1.18 -2.75 -6.08
C TRP A 29 -0.82 -1.30 -6.42
N GLN A 30 -0.63 -0.49 -5.38
CA GLN A 30 -0.28 0.91 -5.57
C GLN A 30 0.62 1.41 -4.45
N CYS A 31 1.10 2.64 -4.56
CA CYS A 31 1.97 3.22 -3.56
C CYS A 31 1.61 4.69 -3.32
N LEU A 32 1.19 4.99 -2.09
CA LEU A 32 0.82 6.36 -1.73
C LEU A 32 1.53 6.80 -0.46
N CYS A 33 2.39 7.80 -0.60
CA CYS A 33 3.15 8.32 0.54
C CYS A 33 3.19 9.84 0.50
N GLU A 34 3.92 10.43 1.46
CA GLU A 34 4.04 11.88 1.54
C GLU A 34 5.14 12.38 0.60
N THR A 35 5.37 13.69 0.61
CA THR A 35 6.39 14.29 -0.24
C THR A 35 7.78 14.09 0.34
N ASN A 36 7.87 14.08 1.66
CA ASN A 36 9.16 13.89 2.34
C ASN A 36 9.80 12.57 1.92
N TRP A 37 8.97 11.58 1.61
CA TRP A 37 9.46 10.27 1.20
C TRP A 37 9.90 10.30 -0.26
N GLY A 38 11.08 9.76 -0.53
CA GLY A 38 11.59 9.72 -1.89
C GLY A 38 11.54 8.34 -2.50
N GLY A 39 11.21 8.26 -3.78
CA GLY A 39 11.14 6.98 -4.46
C GLY A 39 9.74 6.40 -4.46
N GLN A 40 9.48 5.46 -5.36
CA GLN A 40 8.17 4.83 -5.46
C GLN A 40 7.87 3.99 -4.21
N LEU A 41 8.89 3.27 -3.74
CA LEU A 41 8.74 2.42 -2.57
C LEU A 41 8.44 3.27 -1.33
N CYS A 42 8.87 4.52 -1.36
CA CYS A 42 8.66 5.44 -0.24
C CYS A 42 9.25 4.87 1.05
N ASP A 43 10.57 4.90 1.13
CA ASP A 43 11.27 4.39 2.31
C ASP A 43 12.03 5.51 3.01
N LYS A 44 12.71 5.17 4.11
CA LYS A 44 13.47 6.14 4.88
C LYS A 44 14.86 6.33 4.28
N ARG A 1 -14.91 -4.59 -2.84
CA ARG A 1 -14.85 -5.86 -3.55
C ARG A 1 -13.70 -6.72 -3.04
N CYS A 2 -14.03 -7.71 -2.20
CA CYS A 2 -13.03 -8.60 -1.63
C CYS A 2 -12.89 -9.86 -2.48
N GLN A 3 -11.90 -9.89 -3.36
CA GLN A 3 -11.66 -11.04 -4.22
C GLN A 3 -10.16 -11.28 -4.41
N TYR A 4 -9.43 -10.21 -4.69
CA TYR A 4 -7.99 -10.32 -4.89
C TYR A 4 -7.31 -8.96 -4.66
N GLY A 5 -6.47 -8.90 -3.63
CA GLY A 5 -5.78 -7.66 -3.33
C GLY A 5 -6.26 -7.04 -2.03
N TRP A 6 -6.88 -7.84 -1.18
CA TRP A 6 -7.40 -7.35 0.09
C TRP A 6 -7.39 -8.46 1.15
N GLN A 7 -6.35 -8.47 1.96
CA GLN A 7 -6.22 -9.48 3.01
C GLN A 7 -5.97 -8.83 4.37
N GLY A 8 -5.64 -9.65 5.36
CA GLY A 8 -5.37 -9.14 6.69
C GLY A 8 -6.53 -9.36 7.64
N LEU A 9 -6.92 -8.31 8.37
CA LEU A 9 -8.01 -8.40 9.31
C LEU A 9 -9.30 -8.85 8.63
N TYR A 10 -9.71 -8.10 7.61
CA TYR A 10 -10.93 -8.41 6.87
C TYR A 10 -10.84 -7.87 5.44
N CYS A 11 -10.77 -6.55 5.32
CA CYS A 11 -10.69 -5.90 4.01
C CYS A 11 -10.49 -4.40 4.15
N ASP A 12 -9.29 -3.93 3.83
CA ASP A 12 -8.97 -2.51 3.92
C ASP A 12 -7.55 -2.24 3.44
N LYS A 13 -6.64 -3.17 3.71
CA LYS A 13 -5.25 -3.04 3.30
C LYS A 13 -5.01 -3.76 1.98
N CYS A 14 -4.25 -3.11 1.09
CA CYS A 14 -3.95 -3.69 -0.21
C CYS A 14 -2.55 -4.33 -0.21
N ILE A 15 -2.11 -4.75 0.97
CA ILE A 15 -0.80 -5.38 1.12
C ILE A 15 0.30 -4.49 0.53
N PRO A 16 0.68 -3.45 1.30
CA PRO A 16 1.73 -2.52 0.89
C PRO A 16 3.11 -3.16 0.88
N HIS A 17 3.27 -4.23 1.65
CA HIS A 17 4.55 -4.93 1.74
C HIS A 17 5.11 -5.21 0.35
N PRO A 18 4.38 -6.02 -0.43
CA PRO A 18 4.78 -6.39 -1.79
C PRO A 18 4.69 -5.20 -2.75
N GLY A 19 5.72 -4.36 -2.76
CA GLY A 19 5.73 -3.21 -3.65
C GLY A 19 6.10 -1.93 -2.92
N CYS A 20 5.96 -1.94 -1.60
CA CYS A 20 6.29 -0.77 -0.79
C CYS A 20 6.75 -1.19 0.61
N VAL A 21 7.08 -0.19 1.44
CA VAL A 21 7.53 -0.46 2.79
C VAL A 21 6.54 0.10 3.82
N HIS A 22 6.16 1.36 3.64
CA HIS A 22 5.22 2.01 4.55
C HIS A 22 4.27 2.92 3.78
N GLY A 23 3.35 3.55 4.50
CA GLY A 23 2.40 4.44 3.87
C GLY A 23 0.98 3.90 3.89
N ILE A 24 0.19 4.25 2.88
CA ILE A 24 -1.18 3.78 2.79
C ILE A 24 -1.58 3.55 1.34
N CYS A 25 -2.84 3.16 1.14
CA CYS A 25 -3.35 2.89 -0.20
C CYS A 25 -4.87 2.69 -0.18
N ASN A 26 -5.52 3.09 -1.27
CA ASN A 26 -6.96 2.95 -1.37
C ASN A 26 -7.36 2.17 -2.62
N GLU A 27 -6.46 1.30 -3.08
CA GLU A 27 -6.71 0.49 -4.26
C GLU A 27 -5.87 -0.78 -4.24
N PRO A 28 -6.27 -1.78 -5.04
CA PRO A 28 -5.57 -3.06 -5.13
C PRO A 28 -4.22 -2.93 -5.82
N TRP A 29 -3.16 -3.24 -5.09
CA TRP A 29 -1.81 -3.17 -5.64
C TRP A 29 -1.46 -1.74 -6.02
N GLN A 30 -0.98 -0.96 -5.05
CA GLN A 30 -0.61 0.43 -5.29
C GLN A 30 0.33 0.93 -4.19
N CYS A 31 0.73 2.20 -4.30
CA CYS A 31 1.63 2.79 -3.33
C CYS A 31 1.30 4.28 -3.13
N LEU A 32 1.11 4.67 -1.88
CA LEU A 32 0.80 6.06 -1.55
C LEU A 32 1.40 6.45 -0.21
N CYS A 33 2.06 7.61 -0.17
CA CYS A 33 2.67 8.11 1.05
C CYS A 33 2.81 9.62 1.02
N GLU A 34 2.94 10.22 2.20
CA GLU A 34 3.09 11.67 2.30
C GLU A 34 4.23 12.17 1.41
N THR A 35 4.26 13.48 1.17
CA THR A 35 5.29 14.07 0.33
C THR A 35 6.67 13.95 0.98
N ASN A 36 6.69 13.90 2.31
CA ASN A 36 7.94 13.78 3.05
C ASN A 36 8.76 12.59 2.53
N TRP A 37 8.07 11.52 2.14
CA TRP A 37 8.74 10.34 1.62
C TRP A 37 9.16 10.53 0.17
N GLY A 38 10.42 10.29 -0.12
CA GLY A 38 10.93 10.44 -1.47
C GLY A 38 11.27 9.11 -2.11
N GLY A 39 11.63 8.13 -1.29
CA GLY A 39 11.99 6.82 -1.80
C GLY A 39 10.92 6.26 -2.73
N GLN A 40 11.31 5.28 -3.55
CA GLN A 40 10.38 4.66 -4.48
C GLN A 40 9.40 3.75 -3.75
N LEU A 41 9.83 3.21 -2.63
CA LEU A 41 8.98 2.31 -1.83
C LEU A 41 8.52 3.00 -0.56
N CYS A 42 8.44 4.33 -0.60
CA CYS A 42 8.00 5.11 0.55
C CYS A 42 8.79 4.74 1.80
N ASP A 43 10.11 4.61 1.65
CA ASP A 43 10.97 4.25 2.77
C ASP A 43 11.83 5.45 3.20
N LYS A 44 12.17 6.30 2.24
CA LYS A 44 12.98 7.49 2.52
C LYS A 44 12.14 8.75 2.40
N ARG A 1 -16.26 -11.01 -3.74
CA ARG A 1 -15.69 -9.67 -3.66
C ARG A 1 -14.76 -9.55 -2.47
N CYS A 2 -13.91 -8.52 -2.49
CA CYS A 2 -12.95 -8.29 -1.41
C CYS A 2 -12.07 -9.51 -1.20
N GLN A 3 -11.07 -9.66 -2.07
CA GLN A 3 -10.14 -10.78 -1.99
C GLN A 3 -8.90 -10.54 -2.84
N TYR A 4 -9.12 -10.03 -4.05
CA TYR A 4 -8.03 -9.75 -4.98
C TYR A 4 -7.32 -8.46 -4.61
N GLY A 5 -6.12 -8.59 -4.07
CA GLY A 5 -5.35 -7.41 -3.68
C GLY A 5 -5.93 -6.71 -2.46
N TRP A 6 -6.74 -7.45 -1.69
CA TRP A 6 -7.36 -6.90 -0.50
C TRP A 6 -7.36 -7.91 0.64
N GLN A 7 -6.30 -7.91 1.43
CA GLN A 7 -6.18 -8.83 2.56
C GLN A 7 -6.76 -8.23 3.83
N GLY A 8 -6.58 -8.92 4.94
CA GLY A 8 -7.10 -8.44 6.21
C GLY A 8 -8.37 -9.14 6.63
N LEU A 9 -9.01 -8.64 7.68
CA LEU A 9 -10.25 -9.24 8.18
C LEU A 9 -11.30 -9.30 7.08
N TYR A 10 -11.19 -8.40 6.11
CA TYR A 10 -12.13 -8.36 4.99
C TYR A 10 -11.49 -7.75 3.76
N CYS A 11 -11.25 -6.44 3.81
CA CYS A 11 -10.63 -5.73 2.70
C CYS A 11 -10.43 -4.26 3.04
N ASP A 12 -9.17 -3.82 3.05
CA ASP A 12 -8.85 -2.43 3.36
C ASP A 12 -7.41 -2.12 2.97
N LYS A 13 -6.50 -3.05 3.23
CA LYS A 13 -5.10 -2.87 2.89
C LYS A 13 -4.77 -3.50 1.55
N CYS A 14 -3.94 -2.81 0.77
CA CYS A 14 -3.54 -3.31 -0.55
C CYS A 14 -2.17 -3.97 -0.50
N ILE A 15 -1.82 -4.47 0.68
CA ILE A 15 -0.52 -5.13 0.87
C ILE A 15 0.62 -4.25 0.39
N PRO A 16 0.98 -3.25 1.22
CA PRO A 16 2.07 -2.31 0.90
C PRO A 16 3.43 -2.98 0.95
N HIS A 17 3.52 -4.08 1.68
CA HIS A 17 4.77 -4.81 1.81
C HIS A 17 5.42 -5.04 0.45
N PRO A 18 4.72 -5.82 -0.41
CA PRO A 18 5.20 -6.13 -1.75
C PRO A 18 5.17 -4.93 -2.67
N GLY A 19 6.23 -4.11 -2.60
CA GLY A 19 6.31 -2.92 -3.43
C GLY A 19 6.65 -1.68 -2.65
N CYS A 20 6.44 -1.74 -1.33
CA CYS A 20 6.73 -0.61 -0.46
C CYS A 20 7.12 -1.08 0.94
N VAL A 21 7.40 -0.13 1.82
CA VAL A 21 7.79 -0.44 3.19
C VAL A 21 6.82 0.18 4.19
N HIS A 22 6.51 1.45 3.99
CA HIS A 22 5.58 2.16 4.87
C HIS A 22 4.69 3.11 4.08
N GLY A 23 3.75 3.74 4.78
CA GLY A 23 2.84 4.66 4.12
C GLY A 23 1.41 4.15 4.09
N ILE A 24 0.69 4.49 3.03
CA ILE A 24 -0.69 4.06 2.88
C ILE A 24 -1.04 3.83 1.42
N CYS A 25 -2.30 3.47 1.16
CA CYS A 25 -2.76 3.22 -0.19
C CYS A 25 -4.29 3.07 -0.23
N ASN A 26 -4.88 3.43 -1.37
CA ASN A 26 -6.33 3.35 -1.53
C ASN A 26 -6.69 2.34 -2.63
N GLU A 27 -5.76 2.15 -3.57
CA GLU A 27 -5.99 1.22 -4.67
C GLU A 27 -5.12 -0.03 -4.52
N PRO A 28 -5.51 -1.11 -5.21
CA PRO A 28 -4.78 -2.38 -5.17
C PRO A 28 -3.43 -2.29 -5.86
N TRP A 29 -2.39 -2.71 -5.16
CA TRP A 29 -1.04 -2.69 -5.72
C TRP A 29 -0.60 -1.27 -6.04
N GLN A 30 -0.41 -0.45 -5.01
CA GLN A 30 0.00 0.93 -5.20
C GLN A 30 0.92 1.38 -4.07
N CYS A 31 1.42 2.60 -4.18
CA CYS A 31 2.33 3.15 -3.17
C CYS A 31 2.06 4.64 -2.96
N LEU A 32 1.71 5.01 -1.74
CA LEU A 32 1.42 6.40 -1.40
C LEU A 32 2.13 6.81 -0.12
N CYS A 33 3.03 7.78 -0.22
CA CYS A 33 3.77 8.27 0.94
C CYS A 33 3.88 9.79 0.91
N GLU A 34 4.13 10.38 2.08
CA GLU A 34 4.24 11.83 2.20
C GLU A 34 5.47 12.33 1.44
N THR A 35 5.51 13.64 1.17
CA THR A 35 6.61 14.24 0.46
C THR A 35 7.93 14.03 1.21
N ASN A 36 7.85 13.94 2.52
CA ASN A 36 9.03 13.74 3.36
C ASN A 36 9.78 12.49 2.94
N TRP A 37 9.06 11.51 2.41
CA TRP A 37 9.66 10.26 1.97
C TRP A 37 10.22 10.40 0.56
N GLY A 38 10.98 9.39 0.13
CA GLY A 38 11.55 9.42 -1.20
C GLY A 38 11.56 8.06 -1.87
N GLY A 39 11.53 8.05 -3.20
CA GLY A 39 11.52 6.79 -3.93
C GLY A 39 10.14 6.18 -4.02
N GLN A 40 10.02 5.09 -4.76
CA GLN A 40 8.74 4.41 -4.92
C GLN A 40 8.39 3.63 -3.67
N LEU A 41 9.32 2.82 -3.19
CA LEU A 41 9.10 2.01 -1.99
C LEU A 41 8.77 2.89 -0.80
N CYS A 42 9.22 4.14 -0.85
CA CYS A 42 8.97 5.09 0.24
C CYS A 42 9.54 4.57 1.55
N ASP A 43 10.83 4.26 1.56
CA ASP A 43 11.49 3.75 2.76
C ASP A 43 12.38 4.82 3.37
N LYS A 44 12.89 5.72 2.54
CA LYS A 44 13.77 6.79 3.00
C LYS A 44 13.21 8.15 2.60
N ARG A 1 -13.83 -7.60 -5.96
CA ARG A 1 -12.94 -8.65 -5.48
C ARG A 1 -12.29 -8.25 -4.15
N CYS A 2 -12.86 -8.72 -3.05
CA CYS A 2 -12.34 -8.41 -1.73
C CYS A 2 -11.33 -9.47 -1.28
N GLN A 3 -11.54 -10.70 -1.73
CA GLN A 3 -10.66 -11.81 -1.38
C GLN A 3 -9.21 -11.46 -1.70
N TYR A 4 -8.94 -11.14 -2.96
CA TYR A 4 -7.59 -10.80 -3.40
C TYR A 4 -7.47 -9.30 -3.65
N GLY A 5 -6.47 -8.68 -3.04
CA GLY A 5 -6.26 -7.24 -3.21
C GLY A 5 -6.70 -6.44 -2.01
N TRP A 6 -7.53 -7.05 -1.17
CA TRP A 6 -8.02 -6.37 0.03
C TRP A 6 -7.88 -7.27 1.25
N GLN A 7 -6.78 -7.10 1.98
CA GLN A 7 -6.52 -7.89 3.17
C GLN A 7 -7.36 -7.41 4.34
N GLY A 8 -7.26 -8.10 5.47
CA GLY A 8 -8.03 -7.74 6.65
C GLY A 8 -9.35 -8.46 6.73
N LEU A 9 -10.10 -8.19 7.79
CA LEU A 9 -11.41 -8.83 8.00
C LEU A 9 -12.50 -8.07 7.25
N TYR A 10 -12.41 -6.75 7.25
CA TYR A 10 -13.39 -5.91 6.58
C TYR A 10 -12.78 -5.21 5.38
N CYS A 11 -11.75 -5.82 4.81
CA CYS A 11 -11.07 -5.26 3.65
C CYS A 11 -10.65 -3.81 3.91
N ASP A 12 -9.48 -3.65 4.50
CA ASP A 12 -8.96 -2.31 4.81
C ASP A 12 -7.45 -2.26 4.60
N LYS A 13 -6.99 -2.81 3.49
CA LYS A 13 -5.56 -2.82 3.17
C LYS A 13 -5.32 -3.33 1.75
N CYS A 14 -4.58 -2.56 0.97
CA CYS A 14 -4.27 -2.94 -0.40
C CYS A 14 -2.91 -3.62 -0.49
N ILE A 15 -2.49 -4.23 0.61
CA ILE A 15 -1.21 -4.92 0.66
C ILE A 15 -0.08 -4.03 0.16
N PRO A 16 0.36 -3.09 1.02
CA PRO A 16 1.44 -2.16 0.69
C PRO A 16 2.80 -2.86 0.59
N HIS A 17 2.92 -4.01 1.25
CA HIS A 17 4.16 -4.77 1.24
C HIS A 17 4.69 -4.93 -0.19
N PRO A 18 3.90 -5.62 -1.03
CA PRO A 18 4.29 -5.86 -2.43
C PRO A 18 4.23 -4.60 -3.27
N GLY A 19 5.30 -3.80 -3.21
CA GLY A 19 5.35 -2.57 -3.97
C GLY A 19 5.77 -1.38 -3.13
N CYS A 20 5.67 -1.53 -1.81
CA CYS A 20 6.04 -0.46 -0.89
C CYS A 20 6.49 -1.04 0.45
N VAL A 21 6.86 -0.15 1.37
CA VAL A 21 7.31 -0.56 2.69
C VAL A 21 6.42 0.03 3.79
N HIS A 22 6.13 1.31 3.67
CA HIS A 22 5.30 2.00 4.64
C HIS A 22 4.39 3.02 3.97
N GLY A 23 3.53 3.66 4.75
CA GLY A 23 2.62 4.66 4.20
C GLY A 23 1.18 4.21 4.26
N ILE A 24 0.40 4.56 3.23
CA ILE A 24 -1.01 4.20 3.18
C ILE A 24 -1.47 4.04 1.74
N CYS A 25 -2.76 3.78 1.56
CA CYS A 25 -3.33 3.61 0.23
C CYS A 25 -4.85 3.53 0.29
N ASN A 26 -5.51 3.94 -0.77
CA ASN A 26 -6.96 3.91 -0.83
C ASN A 26 -7.44 2.97 -1.94
N GLU A 27 -6.60 2.76 -2.94
CA GLU A 27 -6.95 1.89 -4.05
C GLU A 27 -6.08 0.63 -4.03
N PRO A 28 -6.55 -0.42 -4.73
CA PRO A 28 -5.85 -1.70 -4.81
C PRO A 28 -4.56 -1.60 -5.63
N TRP A 29 -3.47 -2.11 -5.07
CA TRP A 29 -2.18 -2.07 -5.74
C TRP A 29 -1.75 -0.64 -6.04
N GLN A 30 -1.23 0.04 -5.04
CA GLN A 30 -0.79 1.42 -5.20
C GLN A 30 0.18 1.82 -4.08
N CYS A 31 0.74 3.03 -4.18
CA CYS A 31 1.67 3.52 -3.18
C CYS A 31 1.41 4.99 -2.88
N LEU A 32 1.25 5.31 -1.60
CA LEU A 32 0.98 6.68 -1.17
C LEU A 32 1.78 7.01 0.09
N CYS A 33 2.63 8.04 -0.02
CA CYS A 33 3.46 8.45 1.10
C CYS A 33 3.67 9.97 1.08
N GLU A 34 4.36 10.48 2.10
CA GLU A 34 4.63 11.91 2.19
C GLU A 34 5.76 12.32 1.25
N THR A 35 6.06 13.61 1.23
CA THR A 35 7.12 14.13 0.38
C THR A 35 8.50 13.76 0.92
N ASN A 36 8.60 13.69 2.25
CA ASN A 36 9.86 13.34 2.90
C ASN A 36 10.39 12.01 2.39
N TRP A 37 9.48 11.09 2.10
CA TRP A 37 9.85 9.77 1.60
C TRP A 37 10.28 9.84 0.14
N GLY A 38 11.32 9.09 -0.21
CA GLY A 38 11.80 9.09 -1.58
C GLY A 38 11.51 7.78 -2.29
N GLY A 39 11.47 7.84 -3.61
CA GLY A 39 11.19 6.64 -4.40
C GLY A 39 9.73 6.23 -4.32
N GLN A 40 9.36 5.25 -5.13
CA GLN A 40 7.98 4.77 -5.15
C GLN A 40 7.67 3.91 -3.93
N LEU A 41 8.59 3.01 -3.59
CA LEU A 41 8.43 2.14 -2.44
C LEU A 41 8.22 2.96 -1.17
N CYS A 42 8.73 4.18 -1.17
CA CYS A 42 8.59 5.06 -0.01
C CYS A 42 9.22 4.43 1.23
N ASP A 43 10.52 4.21 1.18
CA ASP A 43 11.24 3.60 2.30
C ASP A 43 12.10 4.65 3.01
N LYS A 44 12.57 5.63 2.26
CA LYS A 44 13.40 6.69 2.81
C LYS A 44 12.69 8.04 2.74
N ARG A 1 -15.06 -9.86 -3.79
CA ARG A 1 -14.89 -8.72 -2.88
C ARG A 1 -13.49 -8.70 -2.30
N CYS A 2 -13.01 -9.86 -1.88
CA CYS A 2 -11.68 -9.97 -1.29
C CYS A 2 -10.89 -11.12 -1.93
N GLN A 3 -10.31 -10.85 -3.08
CA GLN A 3 -9.54 -11.86 -3.80
C GLN A 3 -8.17 -11.31 -4.21
N TYR A 4 -8.17 -10.46 -5.23
CA TYR A 4 -6.93 -9.87 -5.72
C TYR A 4 -6.92 -8.36 -5.47
N GLY A 5 -5.99 -7.91 -4.64
CA GLY A 5 -5.87 -6.50 -4.32
C GLY A 5 -6.46 -6.16 -2.97
N TRP A 6 -7.31 -7.05 -2.45
CA TRP A 6 -7.93 -6.83 -1.15
C TRP A 6 -7.86 -8.09 -0.30
N GLN A 7 -7.32 -7.95 0.91
CA GLN A 7 -7.19 -9.08 1.82
C GLN A 7 -8.55 -9.46 2.42
N GLY A 8 -8.57 -10.50 3.24
CA GLY A 8 -9.80 -10.95 3.85
C GLY A 8 -9.93 -10.48 5.29
N LEU A 9 -8.80 -10.35 5.97
CA LEU A 9 -8.79 -9.91 7.35
C LEU A 9 -9.58 -8.62 7.52
N TYR A 10 -9.27 -7.62 6.71
CA TYR A 10 -9.94 -6.34 6.77
C TYR A 10 -10.55 -5.98 5.42
N CYS A 11 -9.87 -6.36 4.35
CA CYS A 11 -10.34 -6.08 3.00
C CYS A 11 -10.43 -4.58 2.75
N ASP A 12 -9.61 -3.82 3.47
CA ASP A 12 -9.59 -2.37 3.32
C ASP A 12 -8.25 -1.90 2.76
N LYS A 13 -7.19 -2.64 3.08
CA LYS A 13 -5.85 -2.30 2.62
C LYS A 13 -5.55 -2.97 1.27
N CYS A 14 -4.61 -2.40 0.53
CA CYS A 14 -4.22 -2.95 -0.76
C CYS A 14 -2.88 -3.65 -0.67
N ILE A 15 -2.56 -4.16 0.51
CA ILE A 15 -1.29 -4.86 0.72
C ILE A 15 -0.11 -4.03 0.24
N PRO A 16 0.27 -3.03 1.06
CA PRO A 16 1.40 -2.13 0.73
C PRO A 16 2.74 -2.84 0.82
N HIS A 17 2.79 -3.93 1.57
CA HIS A 17 4.01 -4.71 1.73
C HIS A 17 4.66 -4.99 0.37
N PRO A 18 3.94 -5.75 -0.47
CA PRO A 18 4.43 -6.11 -1.81
C PRO A 18 4.46 -4.92 -2.75
N GLY A 19 5.54 -4.14 -2.67
CA GLY A 19 5.66 -2.97 -3.53
C GLY A 19 6.04 -1.73 -2.76
N CYS A 20 5.82 -1.75 -1.44
CA CYS A 20 6.13 -0.62 -0.59
C CYS A 20 6.48 -1.08 0.82
N VAL A 21 6.78 -0.12 1.69
CA VAL A 21 7.14 -0.43 3.07
C VAL A 21 6.20 0.27 4.05
N HIS A 22 5.93 1.54 3.79
CA HIS A 22 5.05 2.33 4.66
C HIS A 22 4.18 3.26 3.82
N GLY A 23 3.25 3.94 4.49
CA GLY A 23 2.37 4.87 3.79
C GLY A 23 0.93 4.38 3.78
N ILE A 24 0.22 4.70 2.69
CA ILE A 24 -1.17 4.29 2.56
C ILE A 24 -1.53 4.05 1.10
N CYS A 25 -2.81 3.78 0.84
CA CYS A 25 -3.28 3.53 -0.51
C CYS A 25 -4.81 3.40 -0.54
N ASN A 26 -5.41 3.76 -1.67
CA ASN A 26 -6.85 3.69 -1.83
C ASN A 26 -7.23 2.68 -2.91
N GLU A 27 -6.32 2.46 -3.85
CA GLU A 27 -6.56 1.52 -4.95
C GLU A 27 -5.72 0.27 -4.77
N PRO A 28 -6.13 -0.82 -5.45
CA PRO A 28 -5.43 -2.10 -5.40
C PRO A 28 -4.07 -2.06 -6.10
N TRP A 29 -3.04 -2.51 -5.39
CA TRP A 29 -1.69 -2.53 -5.93
C TRP A 29 -1.24 -1.11 -6.30
N GLN A 30 -0.79 -0.36 -5.30
CA GLN A 30 -0.33 1.01 -5.52
C GLN A 30 0.58 1.45 -4.38
N CYS A 31 1.09 2.68 -4.49
CA CYS A 31 1.98 3.24 -3.47
C CYS A 31 1.73 4.73 -3.30
N LEU A 32 1.30 5.11 -2.11
CA LEU A 32 1.03 6.52 -1.80
C LEU A 32 1.76 6.96 -0.55
N CYS A 33 2.74 7.84 -0.73
CA CYS A 33 3.53 8.35 0.40
C CYS A 33 3.73 9.85 0.29
N GLU A 34 4.08 10.49 1.40
CA GLU A 34 4.31 11.92 1.43
C GLU A 34 5.58 12.29 0.68
N THR A 35 5.72 13.57 0.35
CA THR A 35 6.89 14.06 -0.37
C THR A 35 8.16 13.84 0.44
N ASN A 36 8.01 13.78 1.76
CA ASN A 36 9.15 13.57 2.65
C ASN A 36 9.90 12.29 2.29
N TRP A 37 9.15 11.27 1.89
CA TRP A 37 9.74 9.99 1.52
C TRP A 37 10.40 10.07 0.14
N GLY A 38 10.87 8.93 -0.36
CA GLY A 38 11.52 8.90 -1.65
C GLY A 38 11.37 7.56 -2.34
N GLY A 39 11.44 7.57 -3.67
CA GLY A 39 11.31 6.33 -4.43
C GLY A 39 9.87 5.84 -4.49
N GLN A 40 9.65 4.76 -5.22
CA GLN A 40 8.32 4.19 -5.36
C GLN A 40 7.92 3.42 -4.10
N LEU A 41 8.89 2.70 -3.53
CA LEU A 41 8.64 1.91 -2.33
C LEU A 41 8.40 2.82 -1.12
N CYS A 42 8.94 4.03 -1.18
CA CYS A 42 8.79 5.00 -0.10
C CYS A 42 9.37 4.44 1.19
N ASP A 43 10.69 4.28 1.23
CA ASP A 43 11.35 3.77 2.42
C ASP A 43 12.31 4.81 3.02
N LYS A 44 12.98 4.44 4.09
CA LYS A 44 13.92 5.34 4.74
C LYS A 44 14.96 5.86 3.76
N ARG A 1 -14.10 -4.64 -1.55
CA ARG A 1 -14.40 -6.05 -1.77
C ARG A 1 -13.21 -6.92 -1.40
N CYS A 2 -13.48 -8.20 -1.15
CA CYS A 2 -12.44 -9.15 -0.78
C CYS A 2 -12.29 -10.25 -1.84
N GLN A 3 -11.69 -9.90 -2.96
CA GLN A 3 -11.50 -10.86 -4.05
C GLN A 3 -10.01 -11.09 -4.30
N TYR A 4 -9.30 -10.03 -4.67
CA TYR A 4 -7.87 -10.12 -4.94
C TYR A 4 -7.18 -8.78 -4.69
N GLY A 5 -6.21 -8.79 -3.78
CA GLY A 5 -5.48 -7.59 -3.46
C GLY A 5 -6.12 -6.81 -2.31
N TRP A 6 -6.72 -7.54 -1.38
CA TRP A 6 -7.36 -6.93 -0.23
C TRP A 6 -7.35 -7.86 0.97
N GLN A 7 -6.25 -7.84 1.73
CA GLN A 7 -6.12 -8.69 2.91
C GLN A 7 -6.43 -7.91 4.18
N GLY A 8 -6.16 -8.53 5.33
CA GLY A 8 -6.41 -7.87 6.60
C GLY A 8 -7.56 -8.52 7.35
N LEU A 9 -8.12 -7.78 8.30
CA LEU A 9 -9.24 -8.27 9.11
C LEU A 9 -10.58 -7.99 8.42
N TYR A 10 -10.75 -6.77 7.98
CA TYR A 10 -11.99 -6.37 7.31
C TYR A 10 -11.70 -5.83 5.91
N CYS A 11 -10.59 -6.28 5.32
CA CYS A 11 -10.20 -5.85 3.98
C CYS A 11 -10.07 -4.33 3.92
N ASP A 12 -8.87 -3.84 4.22
CA ASP A 12 -8.62 -2.41 4.19
C ASP A 12 -7.15 -2.12 3.87
N LYS A 13 -6.52 -3.05 3.17
CA LYS A 13 -5.11 -2.91 2.81
C LYS A 13 -4.83 -3.58 1.47
N CYS A 14 -4.06 -2.90 0.62
CA CYS A 14 -3.71 -3.43 -0.69
C CYS A 14 -2.34 -4.07 -0.66
N ILE A 15 -1.93 -4.54 0.51
CA ILE A 15 -0.63 -5.18 0.67
C ILE A 15 0.48 -4.32 0.11
N PRO A 16 0.87 -3.28 0.87
CA PRO A 16 1.94 -2.35 0.47
C PRO A 16 3.31 -3.00 0.49
N HIS A 17 3.44 -4.07 1.27
CA HIS A 17 4.71 -4.79 1.37
C HIS A 17 5.29 -5.08 -0.01
N PRO A 18 4.55 -5.89 -0.79
CA PRO A 18 4.97 -6.26 -2.16
C PRO A 18 4.91 -5.09 -3.12
N GLY A 19 5.95 -4.26 -3.12
CA GLY A 19 5.99 -3.11 -4.00
C GLY A 19 6.36 -1.84 -3.28
N CYS A 20 6.21 -1.84 -1.96
CA CYS A 20 6.54 -0.67 -1.15
C CYS A 20 6.96 -1.08 0.26
N VAL A 21 7.37 -0.10 1.06
CA VAL A 21 7.80 -0.36 2.44
C VAL A 21 6.80 0.19 3.44
N HIS A 22 6.38 1.43 3.23
CA HIS A 22 5.43 2.08 4.12
C HIS A 22 4.53 3.03 3.35
N GLY A 23 3.65 3.73 4.07
CA GLY A 23 2.75 4.67 3.43
C GLY A 23 1.31 4.21 3.47
N ILE A 24 0.57 4.46 2.40
CA ILE A 24 -0.83 4.07 2.32
C ILE A 24 -1.24 3.75 0.89
N CYS A 25 -2.51 3.43 0.69
CA CYS A 25 -3.03 3.12 -0.64
C CYS A 25 -4.55 2.95 -0.60
N ASN A 26 -5.20 3.25 -1.72
CA ASN A 26 -6.64 3.13 -1.82
C ASN A 26 -7.03 2.08 -2.85
N GLU A 27 -6.15 1.86 -3.83
CA GLU A 27 -6.41 0.88 -4.87
C GLU A 27 -5.52 -0.35 -4.70
N PRO A 28 -5.92 -1.47 -5.32
CA PRO A 28 -5.18 -2.73 -5.25
C PRO A 28 -3.85 -2.66 -6.01
N TRP A 29 -2.78 -3.05 -5.33
CA TRP A 29 -1.45 -3.03 -5.94
C TRP A 29 -1.05 -1.63 -6.34
N GLN A 30 -0.77 -0.79 -5.34
CA GLN A 30 -0.37 0.59 -5.59
C GLN A 30 0.67 1.05 -4.58
N CYS A 31 1.14 2.29 -4.73
CA CYS A 31 2.14 2.84 -3.84
C CYS A 31 1.93 4.35 -3.66
N LEU A 32 1.59 4.74 -2.44
CA LEU A 32 1.35 6.15 -2.13
C LEU A 32 2.11 6.56 -0.87
N CYS A 33 3.19 7.31 -1.06
CA CYS A 33 4.00 7.78 0.06
C CYS A 33 3.45 9.08 0.63
N GLU A 34 3.94 9.45 1.81
CA GLU A 34 3.49 10.68 2.47
C GLU A 34 4.51 11.79 2.31
N THR A 35 4.11 13.01 2.64
CA THR A 35 4.99 14.17 2.52
C THR A 35 6.27 13.95 3.31
N ASN A 36 6.20 13.10 4.33
CA ASN A 36 7.36 12.82 5.17
C ASN A 36 8.39 11.98 4.40
N TRP A 37 7.90 11.08 3.56
CA TRP A 37 8.78 10.21 2.77
C TRP A 37 9.16 10.89 1.46
N GLY A 38 9.78 10.12 0.56
CA GLY A 38 10.18 10.67 -0.71
C GLY A 38 11.11 9.73 -1.47
N GLY A 39 10.56 8.61 -1.94
CA GLY A 39 11.36 7.65 -2.68
C GLY A 39 10.53 6.81 -3.63
N GLN A 40 10.96 5.58 -3.86
CA GLN A 40 10.26 4.67 -4.76
C GLN A 40 9.39 3.69 -3.97
N LEU A 41 9.90 3.23 -2.83
CA LEU A 41 9.18 2.29 -1.98
C LEU A 41 8.83 2.93 -0.64
N CYS A 42 8.73 4.25 -0.63
CA CYS A 42 8.40 4.99 0.59
C CYS A 42 9.33 4.58 1.73
N ASP A 43 10.63 4.68 1.49
CA ASP A 43 11.62 4.33 2.51
C ASP A 43 12.47 5.54 2.88
N LYS A 44 12.68 6.43 1.92
CA LYS A 44 13.47 7.63 2.14
C LYS A 44 12.74 8.87 1.66
N ARG A 1 -16.24 -12.63 -1.52
CA ARG A 1 -14.85 -13.02 -1.28
C ARG A 1 -13.92 -11.82 -1.37
N CYS A 2 -13.81 -11.06 -0.28
CA CYS A 2 -12.95 -9.89 -0.25
C CYS A 2 -11.50 -10.29 0.01
N GLN A 3 -10.93 -11.07 -0.93
CA GLN A 3 -9.55 -11.51 -0.80
C GLN A 3 -8.81 -11.37 -2.12
N TYR A 4 -8.65 -10.13 -2.57
CA TYR A 4 -7.96 -9.85 -3.82
C TYR A 4 -7.81 -8.35 -4.04
N GLY A 5 -6.64 -7.83 -3.67
CA GLY A 5 -6.39 -6.40 -3.84
C GLY A 5 -6.70 -5.61 -2.58
N TRP A 6 -7.51 -6.19 -1.70
CA TRP A 6 -7.88 -5.53 -0.46
C TRP A 6 -7.79 -6.49 0.72
N GLN A 7 -6.68 -6.44 1.45
CA GLN A 7 -6.47 -7.31 2.60
C GLN A 7 -7.28 -6.83 3.80
N GLY A 8 -7.36 -7.67 4.82
CA GLY A 8 -8.10 -7.30 6.01
C GLY A 8 -9.60 -7.50 5.84
N LEU A 9 -10.29 -7.81 6.94
CA LEU A 9 -11.72 -8.02 6.91
C LEU A 9 -12.45 -6.78 6.40
N TYR A 10 -12.01 -5.61 6.87
CA TYR A 10 -12.62 -4.35 6.46
C TYR A 10 -12.28 -4.04 5.00
N CYS A 11 -11.16 -4.56 4.52
CA CYS A 11 -10.73 -4.34 3.15
C CYS A 11 -10.45 -2.86 2.91
N ASP A 12 -9.39 -2.36 3.50
CA ASP A 12 -9.01 -0.96 3.35
C ASP A 12 -7.60 -0.83 2.79
N LYS A 13 -6.72 -1.74 3.20
CA LYS A 13 -5.34 -1.74 2.75
C LYS A 13 -5.20 -2.46 1.41
N CYS A 14 -4.37 -1.92 0.53
CA CYS A 14 -4.16 -2.52 -0.79
C CYS A 14 -2.84 -3.31 -0.81
N ILE A 15 -2.45 -3.82 0.35
CA ILE A 15 -1.23 -4.60 0.46
C ILE A 15 -0.03 -3.82 -0.10
N PRO A 16 0.47 -2.87 0.70
CA PRO A 16 1.62 -2.04 0.31
C PRO A 16 2.91 -2.83 0.28
N HIS A 17 2.95 -3.93 1.02
CA HIS A 17 4.14 -4.78 1.07
C HIS A 17 4.66 -5.07 -0.33
N PRO A 18 3.85 -5.77 -1.14
CA PRO A 18 4.20 -6.14 -2.50
C PRO A 18 4.24 -4.93 -3.43
N GLY A 19 5.35 -4.21 -3.42
CA GLY A 19 5.49 -3.03 -4.26
C GLY A 19 6.02 -1.83 -3.50
N CYS A 20 5.88 -1.87 -2.18
CA CYS A 20 6.34 -0.77 -1.34
C CYS A 20 6.75 -1.27 0.05
N VAL A 21 7.19 -0.36 0.90
CA VAL A 21 7.60 -0.71 2.26
C VAL A 21 6.65 -0.14 3.29
N HIS A 22 6.34 1.14 3.16
CA HIS A 22 5.43 1.82 4.09
C HIS A 22 4.64 2.91 3.37
N GLY A 23 3.83 3.64 4.14
CA GLY A 23 3.03 4.70 3.56
C GLY A 23 1.55 4.35 3.52
N ILE A 24 0.88 4.73 2.45
CA ILE A 24 -0.55 4.46 2.29
C ILE A 24 -0.91 4.27 0.83
N CYS A 25 -2.21 4.13 0.56
CA CYS A 25 -2.70 3.96 -0.79
C CYS A 25 -4.22 4.04 -0.85
N ASN A 26 -4.75 4.62 -1.92
CA ASN A 26 -6.18 4.76 -2.09
C ASN A 26 -6.67 4.00 -3.32
N GLU A 27 -5.95 2.94 -3.67
CA GLU A 27 -6.31 2.13 -4.83
C GLU A 27 -5.61 0.78 -4.78
N PRO A 28 -6.15 -0.20 -5.53
CA PRO A 28 -5.59 -1.55 -5.60
C PRO A 28 -4.25 -1.60 -6.31
N TRP A 29 -3.22 -2.07 -5.61
CA TRP A 29 -1.88 -2.17 -6.19
C TRP A 29 -1.35 -0.79 -6.54
N GLN A 30 -1.00 -0.02 -5.51
CA GLN A 30 -0.48 1.33 -5.72
C GLN A 30 0.59 1.65 -4.67
N CYS A 31 1.15 2.85 -4.78
CA CYS A 31 2.19 3.29 -3.84
C CYS A 31 2.10 4.80 -3.60
N LEU A 32 1.79 5.18 -2.36
CA LEU A 32 1.67 6.58 -1.99
C LEU A 32 2.45 6.87 -0.72
N CYS A 33 3.60 7.52 -0.86
CA CYS A 33 4.44 7.86 0.28
C CYS A 33 3.98 9.18 0.92
N GLU A 34 4.50 9.46 2.10
CA GLU A 34 4.14 10.69 2.82
C GLU A 34 5.27 11.71 2.75
N THR A 35 4.97 12.94 3.14
CA THR A 35 5.96 14.01 3.11
C THR A 35 7.20 13.64 3.92
N ASN A 36 7.01 12.74 4.89
CA ASN A 36 8.12 12.29 5.74
C ASN A 36 9.07 11.39 4.96
N TRP A 37 8.55 10.74 3.93
CA TRP A 37 9.36 9.84 3.11
C TRP A 37 9.80 10.54 1.83
N GLY A 38 10.36 9.76 0.91
CA GLY A 38 10.81 10.31 -0.35
C GLY A 38 11.65 9.34 -1.16
N GLY A 39 11.02 8.29 -1.66
CA GLY A 39 11.74 7.30 -2.44
C GLY A 39 10.84 6.56 -3.42
N GLN A 40 11.20 5.33 -3.73
CA GLN A 40 10.42 4.51 -4.67
C GLN A 40 9.48 3.58 -3.91
N LEU A 41 9.97 3.00 -2.82
CA LEU A 41 9.17 2.09 -2.01
C LEU A 41 8.89 2.68 -0.64
N CYS A 42 8.89 4.01 -0.57
CA CYS A 42 8.63 4.70 0.69
C CYS A 42 9.52 4.17 1.81
N ASP A 43 10.82 4.12 1.54
CA ASP A 43 11.79 3.63 2.52
C ASP A 43 12.79 4.72 2.88
N LYS A 44 13.08 5.59 1.91
CA LYS A 44 14.02 6.69 2.14
C LYS A 44 13.70 7.88 1.24
N ARG A 1 -17.25 -12.77 -0.58
CA ARG A 1 -15.84 -12.97 -0.87
C ARG A 1 -15.22 -11.71 -1.49
N CYS A 2 -14.06 -11.33 -0.99
CA CYS A 2 -13.37 -10.14 -1.50
C CYS A 2 -12.53 -10.49 -2.73
N GLN A 3 -12.21 -9.48 -3.53
CA GLN A 3 -11.43 -9.69 -4.73
C GLN A 3 -9.94 -9.78 -4.40
N TYR A 4 -9.10 -9.82 -5.42
CA TYR A 4 -7.66 -9.92 -5.23
C TYR A 4 -7.03 -8.54 -5.10
N GLY A 5 -6.37 -8.30 -3.97
CA GLY A 5 -5.73 -7.01 -3.74
C GLY A 5 -6.40 -6.23 -2.63
N TRP A 6 -7.16 -6.92 -1.80
CA TRP A 6 -7.87 -6.27 -0.69
C TRP A 6 -8.10 -7.25 0.45
N GLN A 7 -7.01 -7.71 1.08
CA GLN A 7 -7.11 -8.65 2.19
C GLN A 7 -6.91 -7.93 3.52
N GLY A 8 -6.99 -8.70 4.60
CA GLY A 8 -6.83 -8.12 5.92
C GLY A 8 -8.12 -8.08 6.71
N LEU A 9 -8.36 -6.98 7.42
CA LEU A 9 -9.56 -6.83 8.22
C LEU A 9 -10.65 -6.09 7.44
N TYR A 10 -11.74 -6.78 7.13
CA TYR A 10 -12.83 -6.18 6.38
C TYR A 10 -12.34 -5.60 5.06
N CYS A 11 -11.25 -6.15 4.55
CA CYS A 11 -10.68 -5.69 3.29
C CYS A 11 -10.47 -4.18 3.31
N ASP A 12 -9.47 -3.73 4.07
CA ASP A 12 -9.17 -2.32 4.18
C ASP A 12 -7.66 -2.07 4.02
N LYS A 13 -7.06 -2.76 3.06
CA LYS A 13 -5.64 -2.62 2.81
C LYS A 13 -5.26 -3.23 1.46
N CYS A 14 -4.35 -2.56 0.76
CA CYS A 14 -3.90 -3.03 -0.55
C CYS A 14 -2.61 -3.83 -0.43
N ILE A 15 -2.37 -4.39 0.74
CA ILE A 15 -1.17 -5.17 0.99
C ILE A 15 0.09 -4.41 0.59
N PRO A 16 0.49 -3.45 1.45
CA PRO A 16 1.68 -2.63 1.21
C PRO A 16 2.97 -3.43 1.32
N HIS A 17 2.91 -4.53 2.04
CA HIS A 17 4.08 -5.39 2.23
C HIS A 17 4.77 -5.68 0.90
N PRO A 18 4.04 -6.36 0.00
CA PRO A 18 4.56 -6.71 -1.33
C PRO A 18 4.71 -5.49 -2.23
N GLY A 19 5.83 -4.79 -2.09
CA GLY A 19 6.08 -3.61 -2.90
C GLY A 19 6.56 -2.43 -2.07
N CYS A 20 5.75 -2.02 -1.09
CA CYS A 20 6.10 -0.90 -0.23
C CYS A 20 6.65 -1.39 1.11
N VAL A 21 6.87 -0.45 2.03
CA VAL A 21 7.39 -0.79 3.35
C VAL A 21 6.58 -0.10 4.44
N HIS A 22 6.31 1.19 4.25
CA HIS A 22 5.54 1.96 5.22
C HIS A 22 4.64 2.98 4.52
N GLY A 23 3.65 3.49 5.25
CA GLY A 23 2.74 4.45 4.68
C GLY A 23 1.33 3.90 4.52
N ILE A 24 0.58 4.46 3.58
CA ILE A 24 -0.78 4.03 3.33
C ILE A 24 -1.05 3.87 1.84
N CYS A 25 -2.30 3.57 1.50
CA CYS A 25 -2.69 3.40 0.10
C CYS A 25 -4.20 3.35 -0.04
N ASN A 26 -4.70 3.78 -1.20
CA ASN A 26 -6.13 3.80 -1.46
C ASN A 26 -6.49 2.85 -2.61
N GLU A 27 -5.52 2.63 -3.50
CA GLU A 27 -5.72 1.75 -4.64
C GLU A 27 -4.98 0.44 -4.46
N PRO A 28 -5.40 -0.59 -5.22
CA PRO A 28 -4.79 -1.92 -5.15
C PRO A 28 -3.37 -1.93 -5.74
N TRP A 29 -2.43 -2.49 -4.99
CA TRP A 29 -1.04 -2.56 -5.44
C TRP A 29 -0.47 -1.17 -5.65
N GLN A 30 -0.96 -0.21 -4.89
CA GLN A 30 -0.49 1.17 -5.01
C GLN A 30 0.34 1.56 -3.79
N CYS A 31 0.68 2.85 -3.69
CA CYS A 31 1.47 3.35 -2.58
C CYS A 31 1.25 4.85 -2.38
N LEU A 32 1.17 5.27 -1.13
CA LEU A 32 0.96 6.68 -0.81
C LEU A 32 1.82 7.10 0.38
N CYS A 33 2.71 8.05 0.15
CA CYS A 33 3.60 8.55 1.20
C CYS A 33 3.88 10.03 1.02
N GLU A 34 4.46 10.64 2.05
CA GLU A 34 4.78 12.07 2.00
C GLU A 34 6.01 12.32 1.14
N THR A 35 6.28 13.59 0.84
CA THR A 35 7.43 13.96 0.02
C THR A 35 8.73 13.66 0.75
N ASN A 36 8.67 13.63 2.07
CA ASN A 36 9.86 13.35 2.88
C ASN A 36 10.45 11.98 2.53
N TRP A 37 9.60 10.97 2.49
CA TRP A 37 10.03 9.62 2.17
C TRP A 37 10.69 9.57 0.79
N GLY A 38 9.92 9.93 -0.23
CA GLY A 38 10.44 9.92 -1.59
C GLY A 38 10.65 8.52 -2.12
N GLY A 39 9.94 8.19 -3.20
CA GLY A 39 10.06 6.87 -3.79
C GLY A 39 8.71 6.22 -4.04
N GLN A 40 8.69 5.22 -4.91
CA GLN A 40 7.45 4.53 -5.25
C GLN A 40 7.07 3.55 -4.14
N LEU A 41 8.07 2.98 -3.48
CA LEU A 41 7.85 2.03 -2.41
C LEU A 41 7.69 2.74 -1.07
N CYS A 42 8.35 3.90 -0.94
CA CYS A 42 8.28 4.69 0.28
C CYS A 42 8.87 3.92 1.46
N ASP A 43 10.18 3.73 1.43
CA ASP A 43 10.88 3.01 2.49
C ASP A 43 11.82 3.94 3.25
N LYS A 44 12.35 4.94 2.55
CA LYS A 44 13.27 5.90 3.15
C LYS A 44 12.60 7.25 3.34
N ARG A 1 -15.86 -6.63 -2.95
CA ARG A 1 -15.08 -7.47 -3.83
C ARG A 1 -13.78 -7.89 -3.16
N CYS A 2 -13.82 -8.08 -1.85
CA CYS A 2 -12.64 -8.50 -1.10
C CYS A 2 -12.21 -9.91 -1.47
N GLN A 3 -11.08 -10.01 -2.17
CA GLN A 3 -10.57 -11.31 -2.58
C GLN A 3 -9.17 -11.17 -3.18
N TYR A 4 -9.06 -10.36 -4.24
CA TYR A 4 -7.79 -10.14 -4.90
C TYR A 4 -7.28 -8.72 -4.66
N GLY A 5 -6.09 -8.62 -4.06
CA GLY A 5 -5.51 -7.32 -3.78
C GLY A 5 -6.12 -6.68 -2.55
N TRP A 6 -6.67 -7.50 -1.66
CA TRP A 6 -7.29 -6.99 -0.43
C TRP A 6 -7.18 -8.02 0.69
N GLN A 7 -6.14 -7.89 1.51
CA GLN A 7 -5.93 -8.81 2.62
C GLN A 7 -6.22 -8.13 3.96
N GLY A 8 -5.93 -8.82 5.05
CA GLY A 8 -6.18 -8.27 6.37
C GLY A 8 -7.33 -8.96 7.08
N LEU A 9 -7.98 -8.22 7.98
CA LEU A 9 -9.12 -8.75 8.72
C LEU A 9 -10.43 -8.29 8.13
N TYR A 10 -10.63 -6.98 8.11
CA TYR A 10 -11.86 -6.39 7.56
C TYR A 10 -11.62 -5.85 6.16
N CYS A 11 -10.64 -6.42 5.47
CA CYS A 11 -10.32 -5.99 4.11
C CYS A 11 -10.11 -4.48 4.05
N ASP A 12 -8.88 -4.05 4.29
CA ASP A 12 -8.55 -2.63 4.26
C ASP A 12 -7.06 -2.42 3.97
N LYS A 13 -6.46 -3.38 3.27
CA LYS A 13 -5.06 -3.30 2.93
C LYS A 13 -4.81 -3.83 1.52
N CYS A 14 -4.10 -3.04 0.71
CA CYS A 14 -3.80 -3.44 -0.66
C CYS A 14 -2.41 -4.06 -0.75
N ILE A 15 -1.95 -4.63 0.35
CA ILE A 15 -0.63 -5.26 0.40
C ILE A 15 0.46 -4.32 -0.10
N PRO A 16 0.84 -3.36 0.75
CA PRO A 16 1.88 -2.38 0.41
C PRO A 16 3.27 -3.00 0.32
N HIS A 17 3.44 -4.15 0.96
CA HIS A 17 4.72 -4.84 0.95
C HIS A 17 5.25 -4.98 -0.47
N PRO A 18 4.52 -5.71 -1.31
CA PRO A 18 4.89 -5.93 -2.71
C PRO A 18 4.77 -4.67 -3.56
N GLY A 19 5.79 -3.83 -3.50
CA GLY A 19 5.78 -2.60 -4.26
C GLY A 19 6.15 -1.39 -3.42
N CYS A 20 6.06 -1.54 -2.11
CA CYS A 20 6.38 -0.46 -1.18
C CYS A 20 6.90 -1.01 0.15
N VAL A 21 7.21 -0.10 1.07
CA VAL A 21 7.72 -0.50 2.38
C VAL A 21 6.82 0.03 3.49
N HIS A 22 6.47 1.31 3.39
CA HIS A 22 5.61 1.95 4.39
C HIS A 22 4.64 2.91 3.74
N GLY A 23 3.74 3.48 4.54
CA GLY A 23 2.76 4.42 4.02
C GLY A 23 1.35 3.87 4.07
N ILE A 24 0.55 4.22 3.07
CA ILE A 24 -0.83 3.77 3.01
C ILE A 24 -1.29 3.61 1.56
N CYS A 25 -2.56 3.25 1.38
CA CYS A 25 -3.13 3.08 0.05
C CYS A 25 -4.65 2.90 0.12
N ASN A 26 -5.34 3.32 -0.94
CA ASN A 26 -6.78 3.20 -0.99
C ASN A 26 -7.22 2.27 -2.11
N GLU A 27 -6.37 2.15 -3.14
CA GLU A 27 -6.66 1.29 -4.28
C GLU A 27 -5.75 0.06 -4.28
N PRO A 28 -6.18 -0.99 -5.00
CA PRO A 28 -5.41 -2.24 -5.10
C PRO A 28 -4.13 -2.07 -5.90
N TRP A 29 -3.01 -2.49 -5.31
CA TRP A 29 -1.72 -2.39 -5.97
C TRP A 29 -1.36 -0.93 -6.25
N GLN A 30 -1.02 -0.20 -5.19
CA GLN A 30 -0.66 1.21 -5.32
C GLN A 30 0.32 1.62 -4.23
N CYS A 31 0.81 2.85 -4.32
CA CYS A 31 1.76 3.37 -3.34
C CYS A 31 1.47 4.83 -3.03
N LEU A 32 1.20 5.13 -1.75
CA LEU A 32 0.91 6.49 -1.33
C LEU A 32 1.78 6.87 -0.14
N CYS A 33 2.59 7.91 -0.32
CA CYS A 33 3.48 8.39 0.74
C CYS A 33 3.67 9.90 0.65
N GLU A 34 4.34 10.46 1.65
CA GLU A 34 4.60 11.90 1.68
C GLU A 34 5.79 12.26 0.79
N THR A 35 5.81 13.50 0.31
CA THR A 35 6.89 13.96 -0.54
C THR A 35 8.23 13.93 0.18
N ASN A 36 8.18 14.07 1.50
CA ASN A 36 9.40 14.05 2.31
C ASN A 36 10.19 12.77 2.08
N TRP A 37 9.49 11.64 2.08
CA TRP A 37 10.14 10.35 1.86
C TRP A 37 10.91 10.34 0.55
N GLY A 38 10.18 10.42 -0.56
CA GLY A 38 10.80 10.42 -1.87
C GLY A 38 10.87 9.03 -2.48
N GLY A 39 10.53 8.94 -3.77
CA GLY A 39 10.54 7.66 -4.45
C GLY A 39 9.17 7.03 -4.53
N GLN A 40 9.10 5.85 -5.15
CA GLN A 40 7.82 5.15 -5.30
C GLN A 40 7.61 4.16 -4.16
N LEU A 41 8.61 3.31 -3.92
CA LEU A 41 8.52 2.32 -2.85
C LEU A 41 8.36 3.00 -1.50
N CYS A 42 8.82 4.24 -1.40
CA CYS A 42 8.73 5.00 -0.15
C CYS A 42 9.44 4.27 0.98
N ASP A 43 10.72 4.55 1.15
CA ASP A 43 11.52 3.92 2.19
C ASP A 43 12.55 4.90 2.75
N LYS A 44 13.38 4.41 3.66
CA LYS A 44 14.41 5.25 4.27
C LYS A 44 15.80 4.87 3.75
N ARG A 1 -15.07 -9.57 -5.87
CA ARG A 1 -15.37 -8.60 -4.82
C ARG A 1 -14.73 -9.00 -3.50
N CYS A 2 -13.67 -8.31 -3.12
CA CYS A 2 -12.96 -8.59 -1.88
C CYS A 2 -12.38 -10.00 -1.90
N GLN A 3 -11.53 -10.28 -2.88
CA GLN A 3 -10.90 -11.58 -3.02
C GLN A 3 -9.68 -11.52 -3.92
N TYR A 4 -9.03 -10.35 -3.93
CA TYR A 4 -7.84 -10.15 -4.76
C TYR A 4 -7.22 -8.79 -4.49
N GLY A 5 -6.01 -8.80 -3.94
CA GLY A 5 -5.32 -7.56 -3.64
C GLY A 5 -5.85 -6.89 -2.39
N TRP A 6 -6.37 -7.69 -1.47
CA TRP A 6 -6.91 -7.15 -0.22
C TRP A 6 -6.67 -8.13 0.93
N GLN A 7 -6.08 -7.62 2.01
CA GLN A 7 -5.80 -8.45 3.18
C GLN A 7 -6.11 -7.70 4.46
N GLY A 8 -5.71 -8.27 5.59
CA GLY A 8 -5.96 -7.64 6.88
C GLY A 8 -7.18 -8.21 7.58
N LEU A 9 -7.95 -7.34 8.23
CA LEU A 9 -9.14 -7.77 8.96
C LEU A 9 -10.14 -8.41 8.00
N TYR A 10 -10.39 -7.75 6.87
CA TYR A 10 -11.34 -8.26 5.89
C TYR A 10 -11.01 -7.72 4.50
N CYS A 11 -10.93 -6.39 4.40
CA CYS A 11 -10.63 -5.74 3.13
C CYS A 11 -10.30 -4.27 3.33
N ASP A 12 -9.02 -3.94 3.20
CA ASP A 12 -8.56 -2.56 3.38
C ASP A 12 -7.09 -2.43 3.03
N LYS A 13 -6.30 -3.44 3.42
CA LYS A 13 -4.87 -3.43 3.15
C LYS A 13 -4.56 -4.04 1.79
N CYS A 14 -3.82 -3.31 0.97
CA CYS A 14 -3.46 -3.77 -0.36
C CYS A 14 -2.07 -4.41 -0.36
N ILE A 15 -1.67 -4.92 0.80
CA ILE A 15 -0.37 -5.56 0.93
C ILE A 15 0.75 -4.66 0.42
N PRO A 16 1.12 -3.66 1.24
CA PRO A 16 2.18 -2.71 0.89
C PRO A 16 3.56 -3.34 0.88
N HIS A 17 3.69 -4.45 1.61
CA HIS A 17 4.97 -5.16 1.70
C HIS A 17 5.56 -5.38 0.30
N PRO A 18 4.84 -6.15 -0.53
CA PRO A 18 5.28 -6.46 -1.89
C PRO A 18 5.20 -5.24 -2.81
N GLY A 19 6.24 -4.41 -2.77
CA GLY A 19 6.28 -3.22 -3.60
C GLY A 19 6.68 -1.98 -2.82
N CYS A 20 5.91 -1.66 -1.79
CA CYS A 20 6.19 -0.50 -0.96
C CYS A 20 6.91 -0.89 0.32
N VAL A 21 7.19 0.09 1.18
CA VAL A 21 7.88 -0.16 2.43
C VAL A 21 7.13 0.48 3.60
N HIS A 22 6.74 1.74 3.42
CA HIS A 22 6.02 2.47 4.47
C HIS A 22 4.95 3.36 3.86
N GLY A 23 4.00 3.78 4.68
CA GLY A 23 2.92 4.64 4.20
C GLY A 23 1.58 3.94 4.23
N ILE A 24 0.76 4.21 3.21
CA ILE A 24 -0.57 3.61 3.13
C ILE A 24 -1.00 3.46 1.67
N CYS A 25 -2.23 2.97 1.47
CA CYS A 25 -2.76 2.79 0.13
C CYS A 25 -4.28 2.64 0.17
N ASN A 26 -4.94 3.13 -0.87
CA ASN A 26 -6.39 3.05 -0.95
C ASN A 26 -6.83 2.34 -2.23
N GLU A 27 -5.97 1.47 -2.73
CA GLU A 27 -6.25 0.72 -3.96
C GLU A 27 -5.42 -0.55 -4.03
N PRO A 28 -5.86 -1.51 -4.85
CA PRO A 28 -5.18 -2.79 -5.03
C PRO A 28 -3.85 -2.64 -5.76
N TRP A 29 -2.76 -3.00 -5.10
CA TRP A 29 -1.43 -2.91 -5.70
C TRP A 29 -1.07 -1.46 -5.98
N GLN A 30 -1.19 -0.61 -4.97
CA GLN A 30 -0.88 0.81 -5.13
C GLN A 30 0.12 1.27 -4.07
N CYS A 31 0.43 2.56 -4.08
CA CYS A 31 1.38 3.12 -3.13
C CYS A 31 1.09 4.59 -2.87
N LEU A 32 1.22 5.01 -1.61
CA LEU A 32 0.96 6.39 -1.25
C LEU A 32 1.94 6.85 -0.16
N CYS A 33 2.40 8.10 -0.27
CA CYS A 33 3.33 8.65 0.70
C CYS A 33 3.64 10.11 0.37
N GLU A 34 4.34 10.78 1.29
CA GLU A 34 4.70 12.17 1.10
C GLU A 34 5.79 12.32 0.04
N THR A 35 5.88 13.51 -0.55
CA THR A 35 6.87 13.78 -1.59
C THR A 35 8.28 13.84 -0.99
N ASN A 36 8.37 14.30 0.25
CA ASN A 36 9.65 14.41 0.92
C ASN A 36 10.35 13.05 1.00
N TRP A 37 9.56 11.98 1.01
CA TRP A 37 10.10 10.63 1.07
C TRP A 37 10.90 10.31 -0.17
N GLY A 38 11.43 9.08 -0.24
CA GLY A 38 12.21 8.67 -1.38
C GLY A 38 11.37 8.52 -2.64
N GLY A 39 11.51 7.39 -3.31
CA GLY A 39 10.75 7.15 -4.53
C GLY A 39 9.29 6.86 -4.26
N GLN A 40 8.65 6.14 -5.17
CA GLN A 40 7.24 5.80 -5.02
C GLN A 40 7.04 4.76 -3.91
N LEU A 41 7.97 3.82 -3.82
CA LEU A 41 7.91 2.77 -2.81
C LEU A 41 7.86 3.37 -1.41
N CYS A 42 8.36 4.59 -1.27
CA CYS A 42 8.37 5.28 0.01
C CYS A 42 9.14 4.46 1.05
N ASP A 43 10.41 4.78 1.22
CA ASP A 43 11.26 4.08 2.19
C ASP A 43 12.30 5.03 2.78
N LYS A 44 12.85 4.64 3.93
CA LYS A 44 13.86 5.45 4.60
C LYS A 44 15.26 5.09 4.11
N ARG A 1 -17.44 -10.27 -1.47
CA ARG A 1 -16.24 -11.03 -1.16
C ARG A 1 -15.05 -10.53 -1.99
N CYS A 2 -14.09 -9.90 -1.31
CA CYS A 2 -12.90 -9.37 -1.97
C CYS A 2 -11.74 -10.34 -1.84
N GLN A 3 -10.69 -10.12 -2.65
CA GLN A 3 -9.52 -10.97 -2.62
C GLN A 3 -8.44 -10.44 -3.55
N TYR A 4 -8.87 -9.91 -4.70
CA TYR A 4 -7.94 -9.37 -5.69
C TYR A 4 -7.39 -8.03 -5.23
N GLY A 5 -6.17 -8.05 -4.69
CA GLY A 5 -5.55 -6.82 -4.22
C GLY A 5 -6.27 -6.21 -3.04
N TRP A 6 -7.05 -7.03 -2.34
CA TRP A 6 -7.80 -6.57 -1.17
C TRP A 6 -7.94 -7.67 -0.14
N GLN A 7 -6.99 -7.72 0.79
CA GLN A 7 -7.00 -8.74 1.84
C GLN A 7 -6.83 -8.10 3.21
N GLY A 8 -6.67 -8.94 4.23
CA GLY A 8 -6.51 -8.44 5.59
C GLY A 8 -7.81 -8.44 6.37
N LEU A 9 -7.85 -7.65 7.43
CA LEU A 9 -9.05 -7.56 8.27
C LEU A 9 -10.23 -7.03 7.47
N TYR A 10 -9.94 -6.21 6.45
CA TYR A 10 -10.98 -5.64 5.61
C TYR A 10 -10.47 -5.41 4.19
N CYS A 11 -11.36 -4.98 3.31
CA CYS A 11 -11.00 -4.72 1.92
C CYS A 11 -10.60 -3.27 1.72
N ASP A 12 -9.74 -2.78 2.60
CA ASP A 12 -9.26 -1.41 2.53
C ASP A 12 -7.76 -1.35 2.25
N LYS A 13 -7.06 -2.42 2.63
CA LYS A 13 -5.61 -2.49 2.42
C LYS A 13 -5.30 -3.13 1.08
N CYS A 14 -4.29 -2.60 0.39
CA CYS A 14 -3.89 -3.12 -0.91
C CYS A 14 -2.56 -3.86 -0.81
N ILE A 15 -2.26 -4.37 0.38
CA ILE A 15 -1.02 -5.10 0.60
C ILE A 15 0.18 -4.29 0.12
N PRO A 16 0.59 -3.30 0.94
CA PRO A 16 1.72 -2.44 0.62
C PRO A 16 3.06 -3.18 0.71
N HIS A 17 3.07 -4.27 1.47
CA HIS A 17 4.27 -5.07 1.64
C HIS A 17 4.92 -5.38 0.29
N PRO A 18 4.19 -6.12 -0.55
CA PRO A 18 4.67 -6.49 -1.89
C PRO A 18 4.74 -5.30 -2.84
N GLY A 19 5.83 -4.56 -2.77
CA GLY A 19 6.01 -3.40 -3.62
C GLY A 19 6.16 -2.11 -2.84
N CYS A 20 6.52 -2.23 -1.56
CA CYS A 20 6.70 -1.07 -0.70
C CYS A 20 7.19 -1.50 0.69
N VAL A 21 7.27 -0.54 1.60
CA VAL A 21 7.73 -0.80 2.95
C VAL A 21 6.74 -0.25 3.98
N HIS A 22 6.41 1.03 3.84
CA HIS A 22 5.48 1.68 4.76
C HIS A 22 4.62 2.70 4.02
N GLY A 23 3.62 3.24 4.72
CA GLY A 23 2.74 4.21 4.12
C GLY A 23 1.33 3.69 3.94
N ILE A 24 0.55 4.35 3.09
CA ILE A 24 -0.82 3.96 2.83
C ILE A 24 -1.08 3.78 1.34
N CYS A 25 -2.32 3.49 0.99
CA CYS A 25 -2.70 3.31 -0.42
C CYS A 25 -4.22 3.28 -0.57
N ASN A 26 -4.70 3.70 -1.74
CA ASN A 26 -6.12 3.73 -2.01
C ASN A 26 -6.48 2.78 -3.15
N GLU A 27 -5.50 2.54 -4.03
CA GLU A 27 -5.70 1.65 -5.17
C GLU A 27 -4.94 0.34 -4.99
N PRO A 28 -5.35 -0.70 -5.73
CA PRO A 28 -4.73 -2.01 -5.67
C PRO A 28 -3.32 -2.02 -6.26
N TRP A 29 -2.36 -2.50 -5.48
CA TRP A 29 -0.97 -2.56 -5.93
C TRP A 29 -0.43 -1.16 -6.19
N GLN A 30 -0.41 -0.33 -5.16
CA GLN A 30 0.09 1.03 -5.28
C GLN A 30 0.75 1.49 -3.98
N CYS A 31 1.31 2.69 -3.99
CA CYS A 31 1.97 3.25 -2.81
C CYS A 31 1.62 4.73 -2.64
N LEU A 32 1.39 5.13 -1.40
CA LEU A 32 1.06 6.51 -1.10
C LEU A 32 1.73 6.97 0.19
N CYS A 33 2.78 7.78 0.05
CA CYS A 33 3.51 8.30 1.21
C CYS A 33 3.71 9.81 1.09
N GLU A 34 4.25 10.40 2.15
CA GLU A 34 4.50 11.83 2.17
C GLU A 34 5.70 12.19 1.30
N THR A 35 6.05 13.48 1.28
CA THR A 35 7.18 13.96 0.48
C THR A 35 8.50 13.66 1.18
N ASN A 36 8.47 13.62 2.51
CA ASN A 36 9.67 13.34 3.29
C ASN A 36 10.25 11.97 2.93
N TRP A 37 9.39 10.97 2.85
CA TRP A 37 9.83 9.62 2.51
C TRP A 37 10.52 9.60 1.15
N GLY A 38 9.75 9.81 0.09
CA GLY A 38 10.31 9.82 -1.25
C GLY A 38 10.43 8.43 -1.83
N GLY A 39 10.86 8.34 -3.08
CA GLY A 39 11.01 7.05 -3.73
C GLY A 39 9.68 6.37 -3.99
N GLN A 40 9.73 5.12 -4.42
CA GLN A 40 8.51 4.37 -4.72
C GLN A 40 8.16 3.45 -3.55
N LEU A 41 9.19 2.92 -2.89
CA LEU A 41 8.99 2.02 -1.76
C LEU A 41 8.61 2.80 -0.50
N CYS A 42 9.03 4.06 -0.45
CA CYS A 42 8.73 4.91 0.69
C CYS A 42 9.16 4.25 2.00
N ASP A 43 10.47 4.18 2.22
CA ASP A 43 11.01 3.57 3.42
C ASP A 43 11.66 4.63 4.32
N LYS A 44 12.13 5.70 3.71
CA LYS A 44 12.77 6.78 4.45
C LYS A 44 11.78 7.47 5.39
N ARG A 1 -15.63 -10.08 -2.70
CA ARG A 1 -14.37 -10.36 -3.37
C ARG A 1 -13.19 -9.85 -2.54
N CYS A 2 -13.14 -10.25 -1.28
CA CYS A 2 -12.07 -9.84 -0.37
C CYS A 2 -10.85 -10.73 -0.55
N GLN A 3 -10.16 -10.56 -1.68
CA GLN A 3 -8.96 -11.35 -1.97
C GLN A 3 -8.13 -10.68 -3.06
N TYR A 4 -8.81 -10.16 -4.07
CA TYR A 4 -8.13 -9.49 -5.19
C TYR A 4 -7.89 -8.02 -4.88
N GLY A 5 -6.71 -7.72 -4.33
CA GLY A 5 -6.39 -6.35 -4.00
C GLY A 5 -6.76 -5.98 -2.57
N TRP A 6 -7.66 -6.77 -1.98
CA TRP A 6 -8.10 -6.52 -0.62
C TRP A 6 -8.07 -7.81 0.21
N GLN A 7 -7.48 -7.73 1.39
CA GLN A 7 -7.39 -8.89 2.28
C GLN A 7 -8.75 -9.24 2.87
N GLY A 8 -8.76 -10.27 3.71
CA GLY A 8 -10.01 -10.69 4.32
C GLY A 8 -10.13 -10.21 5.75
N LEU A 9 -9.00 -10.05 6.43
CA LEU A 9 -8.99 -9.59 7.81
C LEU A 9 -9.79 -8.30 7.96
N TYR A 10 -9.37 -7.26 7.26
CA TYR A 10 -10.04 -5.97 7.31
C TYR A 10 -10.62 -5.60 5.94
N CYS A 11 -9.98 -6.09 4.88
CA CYS A 11 -10.43 -5.81 3.53
C CYS A 11 -10.42 -4.31 3.24
N ASP A 12 -9.57 -3.59 3.96
CA ASP A 12 -9.46 -2.14 3.78
C ASP A 12 -8.09 -1.77 3.21
N LYS A 13 -7.07 -2.53 3.58
CA LYS A 13 -5.71 -2.29 3.10
C LYS A 13 -5.49 -2.92 1.73
N CYS A 14 -4.69 -2.26 0.90
CA CYS A 14 -4.40 -2.76 -0.44
C CYS A 14 -3.09 -3.54 -0.45
N ILE A 15 -2.71 -4.08 0.71
CA ILE A 15 -1.48 -4.85 0.83
C ILE A 15 -0.29 -4.07 0.28
N PRO A 16 0.20 -3.10 1.07
CA PRO A 16 1.35 -2.27 0.67
C PRO A 16 2.65 -3.06 0.66
N HIS A 17 2.69 -4.15 1.40
CA HIS A 17 3.88 -4.99 1.48
C HIS A 17 4.42 -5.30 0.07
N PRO A 18 3.61 -6.01 -0.72
CA PRO A 18 3.98 -6.37 -2.09
C PRO A 18 4.01 -5.17 -3.03
N GLY A 19 5.13 -4.45 -3.02
CA GLY A 19 5.27 -3.29 -3.88
C GLY A 19 5.47 -2.01 -3.08
N CYS A 20 5.86 -2.15 -1.82
CA CYS A 20 6.08 -1.00 -0.96
C CYS A 20 6.54 -1.44 0.44
N VAL A 21 6.57 -0.50 1.37
CA VAL A 21 6.99 -0.79 2.73
C VAL A 21 6.05 -0.14 3.75
N HIS A 22 5.79 1.15 3.54
CA HIS A 22 4.91 1.89 4.43
C HIS A 22 4.01 2.85 3.65
N GLY A 23 3.27 3.69 4.37
CA GLY A 23 2.39 4.64 3.72
C GLY A 23 0.96 4.14 3.65
N ILE A 24 0.08 4.94 3.04
CA ILE A 24 -1.32 4.57 2.90
C ILE A 24 -1.68 4.33 1.44
N CYS A 25 -2.96 4.03 1.20
CA CYS A 25 -3.43 3.76 -0.15
C CYS A 25 -4.96 3.65 -0.18
N ASN A 26 -5.55 4.00 -1.32
CA ASN A 26 -7.00 3.95 -1.47
C ASN A 26 -7.40 2.94 -2.54
N GLU A 27 -6.48 2.69 -3.48
CA GLU A 27 -6.74 1.74 -4.56
C GLU A 27 -5.93 0.46 -4.36
N PRO A 28 -6.36 -0.62 -5.02
CA PRO A 28 -5.69 -1.92 -4.93
C PRO A 28 -4.33 -1.92 -5.62
N TRP A 29 -3.35 -2.56 -4.99
CA TRP A 29 -2.00 -2.62 -5.53
C TRP A 29 -1.46 -1.23 -5.82
N GLN A 30 -1.28 -0.44 -4.77
CA GLN A 30 -0.76 0.92 -4.92
C GLN A 30 -0.12 1.41 -3.63
N CYS A 31 0.49 2.59 -3.68
CA CYS A 31 1.13 3.16 -2.51
C CYS A 31 1.06 4.69 -2.54
N LEU A 32 0.93 5.29 -1.37
CA LEU A 32 0.84 6.75 -1.26
C LEU A 32 1.53 7.24 0.01
N CYS A 33 2.66 7.92 -0.17
CA CYS A 33 3.41 8.45 0.95
C CYS A 33 3.64 9.95 0.80
N GLU A 34 4.05 10.60 1.89
CA GLU A 34 4.30 12.04 1.88
C GLU A 34 5.50 12.36 0.98
N THR A 35 5.64 13.65 0.66
CA THR A 35 6.74 14.10 -0.19
C THR A 35 8.07 14.01 0.55
N ASN A 36 8.02 14.07 1.87
CA ASN A 36 9.22 13.99 2.69
C ASN A 36 9.57 12.55 3.01
N TRP A 37 9.66 11.73 1.97
CA TRP A 37 10.00 10.31 2.14
C TRP A 37 10.99 9.86 1.08
N GLY A 38 10.64 10.04 -0.19
CA GLY A 38 11.52 9.65 -1.27
C GLY A 38 11.44 8.16 -1.57
N GLY A 39 12.41 7.66 -2.32
CA GLY A 39 12.43 6.24 -2.67
C GLY A 39 11.26 5.86 -3.54
N GLN A 40 11.37 4.71 -4.21
CA GLN A 40 10.31 4.23 -5.08
C GLN A 40 9.29 3.41 -4.30
N LEU A 41 9.74 2.81 -3.20
CA LEU A 41 8.86 2.00 -2.37
C LEU A 41 8.44 2.76 -1.11
N CYS A 42 8.43 4.09 -1.20
CA CYS A 42 8.05 4.93 -0.08
C CYS A 42 8.85 4.56 1.17
N ASP A 43 10.13 4.24 0.98
CA ASP A 43 11.00 3.87 2.09
C ASP A 43 11.89 5.04 2.50
N LYS A 44 12.81 4.78 3.42
CA LYS A 44 13.73 5.82 3.89
C LYS A 44 14.61 6.32 2.76
N ARG A 1 -17.92 -5.78 -3.42
CA ARG A 1 -17.18 -7.03 -3.40
C ARG A 1 -15.68 -6.77 -3.48
N CYS A 2 -14.90 -7.61 -2.81
CA CYS A 2 -13.45 -7.49 -2.81
C CYS A 2 -12.78 -8.80 -2.45
N GLN A 3 -11.73 -9.16 -3.19
CA GLN A 3 -11.01 -10.40 -2.96
C GLN A 3 -9.54 -10.25 -3.33
N TYR A 4 -9.28 -9.99 -4.61
CA TYR A 4 -7.91 -9.83 -5.09
C TYR A 4 -7.35 -8.47 -4.69
N GLY A 5 -6.11 -8.46 -4.25
CA GLY A 5 -5.46 -7.23 -3.84
C GLY A 5 -6.15 -6.59 -2.65
N TRP A 6 -6.88 -7.41 -1.88
CA TRP A 6 -7.59 -6.91 -0.70
C TRP A 6 -7.61 -7.96 0.40
N GLN A 7 -6.57 -7.98 1.22
CA GLN A 7 -6.48 -8.94 2.31
C GLN A 7 -6.22 -8.23 3.64
N GLY A 8 -5.94 -9.01 4.68
CA GLY A 8 -5.69 -8.44 5.99
C GLY A 8 -6.81 -8.72 6.97
N LEU A 9 -7.29 -7.67 7.63
CA LEU A 9 -8.37 -7.80 8.60
C LEU A 9 -9.68 -8.18 7.91
N TYR A 10 -10.04 -7.43 6.89
CA TYR A 10 -11.27 -7.69 6.14
C TYR A 10 -11.14 -7.20 4.70
N CYS A 11 -11.06 -5.88 4.54
CA CYS A 11 -10.94 -5.29 3.20
C CYS A 11 -10.68 -3.79 3.31
N ASP A 12 -9.44 -3.39 3.07
CA ASP A 12 -9.06 -1.98 3.12
C ASP A 12 -7.61 -1.79 2.70
N LYS A 13 -6.75 -2.74 3.07
CA LYS A 13 -5.33 -2.68 2.74
C LYS A 13 -5.07 -3.33 1.39
N CYS A 14 -4.13 -2.77 0.63
CA CYS A 14 -3.78 -3.29 -0.68
C CYS A 14 -2.42 -3.97 -0.66
N ILE A 15 -2.01 -4.44 0.53
CA ILE A 15 -0.73 -5.11 0.69
C ILE A 15 0.40 -4.25 0.12
N PRO A 16 0.81 -3.22 0.88
CA PRO A 16 1.89 -2.31 0.47
C PRO A 16 3.25 -2.99 0.49
N HIS A 17 3.37 -4.05 1.28
CA HIS A 17 4.62 -4.79 1.38
C HIS A 17 5.19 -5.10 0.01
N PRO A 18 4.45 -5.90 -0.78
CA PRO A 18 4.87 -6.28 -2.13
C PRO A 18 4.81 -5.11 -3.11
N GLY A 19 5.87 -4.30 -3.11
CA GLY A 19 5.93 -3.17 -4.01
C GLY A 19 6.06 -1.85 -3.25
N CYS A 20 6.51 -1.92 -2.00
CA CYS A 20 6.68 -0.74 -1.18
C CYS A 20 7.27 -1.10 0.18
N VAL A 21 7.42 -0.10 1.04
CA VAL A 21 7.98 -0.31 2.37
C VAL A 21 7.02 0.17 3.45
N HIS A 22 6.59 1.43 3.34
CA HIS A 22 5.68 2.02 4.30
C HIS A 22 4.72 2.99 3.61
N GLY A 23 3.77 3.52 4.38
CA GLY A 23 2.80 4.44 3.83
C GLY A 23 1.41 3.85 3.74
N ILE A 24 0.55 4.47 2.92
CA ILE A 24 -0.82 3.99 2.75
C ILE A 24 -1.15 3.78 1.28
N CYS A 25 -2.39 3.42 1.01
CA CYS A 25 -2.84 3.19 -0.36
C CYS A 25 -4.37 3.09 -0.42
N ASN A 26 -4.93 3.47 -1.56
CA ASN A 26 -6.38 3.42 -1.75
C ASN A 26 -6.76 2.44 -2.86
N GLU A 27 -5.82 2.22 -3.79
CA GLU A 27 -6.05 1.31 -4.91
C GLU A 27 -5.23 0.04 -4.75
N PRO A 28 -5.63 -1.02 -5.45
CA PRO A 28 -4.95 -2.32 -5.40
C PRO A 28 -3.58 -2.27 -6.08
N TRP A 29 -2.55 -2.69 -5.36
CA TRP A 29 -1.19 -2.69 -5.88
C TRP A 29 -0.73 -1.28 -6.20
N GLN A 30 -0.71 -0.42 -5.18
CA GLN A 30 -0.28 0.96 -5.36
C GLN A 30 0.42 1.48 -4.12
N CYS A 31 0.93 2.70 -4.19
CA CYS A 31 1.64 3.31 -3.08
C CYS A 31 1.23 4.77 -2.90
N LEU A 32 1.06 5.18 -1.65
CA LEU A 32 0.66 6.56 -1.34
C LEU A 32 1.39 7.07 -0.11
N CYS A 33 2.38 7.93 -0.32
CA CYS A 33 3.15 8.50 0.78
C CYS A 33 3.37 10.00 0.58
N GLU A 34 3.78 10.68 1.65
CA GLU A 34 4.02 12.11 1.59
C GLU A 34 5.22 12.42 0.69
N THR A 35 5.51 13.71 0.54
CA THR A 35 6.64 14.15 -0.30
C THR A 35 7.97 13.90 0.40
N ASN A 36 7.95 13.96 1.73
CA ASN A 36 9.16 13.75 2.51
C ASN A 36 9.83 12.43 2.14
N TRP A 37 9.02 11.46 1.73
CA TRP A 37 9.53 10.15 1.35
C TRP A 37 10.04 10.17 -0.09
N GLY A 38 11.28 9.73 -0.28
CA GLY A 38 11.86 9.70 -1.61
C GLY A 38 11.80 8.32 -2.24
N GLY A 39 11.16 8.24 -3.39
CA GLY A 39 11.04 6.96 -4.09
C GLY A 39 9.63 6.40 -4.03
N GLN A 40 9.26 5.64 -5.06
CA GLN A 40 7.93 5.04 -5.12
C GLN A 40 7.72 4.08 -3.96
N LEU A 41 8.80 3.44 -3.52
CA LEU A 41 8.73 2.49 -2.42
C LEU A 41 8.41 3.20 -1.10
N CYS A 42 8.76 4.47 -1.03
CA CYS A 42 8.51 5.27 0.17
C CYS A 42 9.19 4.65 1.38
N ASP A 43 10.52 4.60 1.34
CA ASP A 43 11.31 4.04 2.44
C ASP A 43 12.02 5.13 3.22
N LYS A 44 12.56 4.77 4.38
CA LYS A 44 13.28 5.73 5.22
C LYS A 44 14.60 6.12 4.59
N ARG A 1 -16.78 -5.05 -2.82
CA ARG A 1 -16.07 -6.27 -3.20
C ARG A 1 -14.96 -6.58 -2.21
N CYS A 2 -14.48 -7.82 -2.24
CA CYS A 2 -13.40 -8.25 -1.35
C CYS A 2 -12.78 -9.56 -1.83
N GLN A 3 -12.04 -9.48 -2.93
CA GLN A 3 -11.40 -10.66 -3.48
C GLN A 3 -10.23 -10.26 -4.39
N TYR A 4 -9.06 -10.83 -4.13
CA TYR A 4 -7.87 -10.53 -4.91
C TYR A 4 -7.52 -9.04 -4.84
N GLY A 5 -6.57 -8.71 -3.98
CA GLY A 5 -6.16 -7.33 -3.82
C GLY A 5 -6.52 -6.76 -2.47
N TRP A 6 -7.47 -7.40 -1.80
CA TRP A 6 -7.92 -6.95 -0.49
C TRP A 6 -7.85 -8.09 0.53
N GLN A 7 -6.73 -8.17 1.25
CA GLN A 7 -6.55 -9.21 2.25
C GLN A 7 -6.13 -8.61 3.59
N GLY A 8 -5.73 -9.47 4.52
CA GLY A 8 -5.31 -9.00 5.83
C GLY A 8 -6.35 -9.27 6.90
N LEU A 9 -6.17 -8.65 8.07
CA LEU A 9 -7.10 -8.83 9.18
C LEU A 9 -8.49 -8.35 8.80
N TYR A 10 -8.56 -7.42 7.85
CA TYR A 10 -9.84 -6.88 7.40
C TYR A 10 -9.74 -6.43 5.94
N CYS A 11 -10.90 -6.08 5.36
CA CYS A 11 -10.95 -5.63 3.97
C CYS A 11 -10.77 -4.12 3.89
N ASP A 12 -9.57 -3.70 3.51
CA ASP A 12 -9.26 -2.27 3.38
C ASP A 12 -7.83 -2.07 2.92
N LYS A 13 -6.92 -2.94 3.36
CA LYS A 13 -5.52 -2.86 2.98
C LYS A 13 -5.29 -3.48 1.61
N CYS A 14 -4.55 -2.78 0.76
CA CYS A 14 -4.26 -3.26 -0.58
C CYS A 14 -2.88 -3.93 -0.62
N ILE A 15 -2.45 -4.46 0.52
CA ILE A 15 -1.16 -5.13 0.61
C ILE A 15 -0.04 -4.22 0.12
N PRO A 16 0.36 -3.26 0.97
CA PRO A 16 1.43 -2.31 0.64
C PRO A 16 2.80 -2.97 0.60
N HIS A 17 2.92 -4.11 1.29
CA HIS A 17 4.18 -4.84 1.33
C HIS A 17 4.75 -5.02 -0.08
N PRO A 18 4.02 -5.74 -0.92
CA PRO A 18 4.44 -6.01 -2.30
C PRO A 18 4.39 -4.75 -3.18
N GLY A 19 5.44 -3.94 -3.10
CA GLY A 19 5.49 -2.73 -3.89
C GLY A 19 5.90 -1.52 -3.08
N CYS A 20 5.67 -1.58 -1.77
CA CYS A 20 6.02 -0.50 -0.87
C CYS A 20 6.47 -1.03 0.49
N VAL A 21 6.83 -0.12 1.39
CA VAL A 21 7.28 -0.49 2.72
C VAL A 21 6.37 0.10 3.79
N HIS A 22 6.12 1.40 3.68
CA HIS A 22 5.26 2.10 4.64
C HIS A 22 4.35 3.10 3.93
N GLY A 23 3.24 3.43 4.57
CA GLY A 23 2.30 4.38 3.98
C GLY A 23 0.88 3.84 3.97
N ILE A 24 0.07 4.35 3.05
CA ILE A 24 -1.32 3.93 2.93
C ILE A 24 -1.71 3.76 1.46
N CYS A 25 -2.99 3.45 1.24
CA CYS A 25 -3.50 3.27 -0.11
C CYS A 25 -5.01 3.07 -0.10
N ASN A 26 -5.67 3.48 -1.19
CA ASN A 26 -7.11 3.34 -1.30
C ASN A 26 -7.49 2.39 -2.43
N GLU A 27 -6.60 2.27 -3.41
CA GLU A 27 -6.83 1.38 -4.55
C GLU A 27 -5.96 0.13 -4.46
N PRO A 28 -6.35 -0.92 -5.19
CA PRO A 28 -5.62 -2.19 -5.22
C PRO A 28 -4.27 -2.07 -5.94
N TRP A 29 -3.21 -2.50 -5.27
CA TRP A 29 -1.87 -2.44 -5.84
C TRP A 29 -1.46 -1.00 -6.08
N GLN A 30 -1.52 -0.18 -5.04
CA GLN A 30 -1.14 1.22 -5.15
C GLN A 30 -0.16 1.61 -4.04
N CYS A 31 0.23 2.88 -4.01
CA CYS A 31 1.17 3.37 -3.01
C CYS A 31 0.93 4.85 -2.74
N LEU A 32 0.32 5.15 -1.60
CA LEU A 32 0.05 6.53 -1.22
C LEU A 32 0.93 6.97 -0.05
N CYS A 33 1.94 7.77 -0.35
CA CYS A 33 2.86 8.26 0.67
C CYS A 33 3.19 9.73 0.44
N GLU A 34 3.66 10.39 1.50
CA GLU A 34 4.02 11.80 1.40
C GLU A 34 5.26 11.99 0.53
N THR A 35 5.36 13.16 -0.10
CA THR A 35 6.49 13.47 -0.97
C THR A 35 7.77 13.62 -0.16
N ASN A 36 7.64 14.06 1.09
CA ASN A 36 8.78 14.24 1.96
C ASN A 36 9.55 12.93 2.14
N TRP A 37 8.82 11.83 2.16
CA TRP A 37 9.44 10.51 2.31
C TRP A 37 10.53 10.29 1.29
N GLY A 38 10.13 10.16 0.02
CA GLY A 38 11.10 9.96 -1.05
C GLY A 38 11.30 8.49 -1.35
N GLY A 39 11.74 8.20 -2.59
CA GLY A 39 11.97 6.82 -2.98
C GLY A 39 10.81 6.26 -3.78
N GLN A 40 10.85 4.95 -4.02
CA GLN A 40 9.79 4.28 -4.78
C GLN A 40 8.91 3.45 -3.86
N LEU A 41 9.50 2.92 -2.80
CA LEU A 41 8.77 2.09 -1.84
C LEU A 41 8.50 2.86 -0.55
N CYS A 42 8.44 4.18 -0.66
CA CYS A 42 8.20 5.04 0.49
C CYS A 42 9.14 4.70 1.64
N ASP A 43 10.42 4.54 1.30
CA ASP A 43 11.43 4.21 2.31
C ASP A 43 12.20 5.46 2.72
N LYS A 44 12.97 5.35 3.80
CA LYS A 44 13.75 6.47 4.30
C LYS A 44 14.85 6.85 3.32
N ARG A 1 -11.07 -13.92 -0.79
CA ARG A 1 -12.32 -13.75 -0.05
C ARG A 1 -13.02 -12.45 -0.45
N CYS A 2 -12.29 -11.35 -0.37
CA CYS A 2 -12.84 -10.05 -0.73
C CYS A 2 -12.76 -9.81 -2.24
N GLN A 3 -11.53 -9.77 -2.75
CA GLN A 3 -11.31 -9.55 -4.18
C GLN A 3 -9.83 -9.57 -4.51
N TYR A 4 -9.51 -9.33 -5.78
CA TYR A 4 -8.13 -9.33 -6.23
C TYR A 4 -7.41 -8.05 -5.80
N GLY A 5 -6.43 -8.20 -4.92
CA GLY A 5 -5.68 -7.04 -4.44
C GLY A 5 -6.32 -6.40 -3.23
N TRP A 6 -7.13 -7.17 -2.50
CA TRP A 6 -7.80 -6.67 -1.32
C TRP A 6 -7.95 -7.77 -0.27
N GLN A 7 -6.99 -7.83 0.65
CA GLN A 7 -7.01 -8.84 1.70
C GLN A 7 -7.34 -8.20 3.06
N GLY A 8 -7.33 -9.02 4.10
CA GLY A 8 -7.62 -8.51 5.44
C GLY A 8 -9.05 -8.79 5.85
N LEU A 9 -9.25 -9.06 7.14
CA LEU A 9 -10.58 -9.35 7.68
C LEU A 9 -11.52 -8.17 7.46
N TYR A 10 -10.95 -6.96 7.41
CA TYR A 10 -11.74 -5.75 7.21
C TYR A 10 -11.79 -5.38 5.72
N CYS A 11 -10.78 -5.79 4.98
CA CYS A 11 -10.72 -5.51 3.55
C CYS A 11 -10.67 -4.01 3.30
N ASP A 12 -9.47 -3.44 3.39
CA ASP A 12 -9.28 -2.01 3.17
C ASP A 12 -7.81 -1.68 2.93
N LYS A 13 -7.10 -2.60 2.28
CA LYS A 13 -5.69 -2.41 1.99
C LYS A 13 -5.30 -3.11 0.68
N CYS A 14 -4.36 -2.52 -0.04
CA CYS A 14 -3.91 -3.07 -1.31
C CYS A 14 -2.57 -3.79 -1.14
N ILE A 15 -2.30 -4.25 0.07
CA ILE A 15 -1.06 -4.96 0.37
C ILE A 15 0.15 -4.15 -0.11
N PRO A 16 0.52 -3.13 0.67
CA PRO A 16 1.66 -2.27 0.35
C PRO A 16 2.99 -3.00 0.51
N HIS A 17 3.00 -4.05 1.32
CA HIS A 17 4.20 -4.83 1.56
C HIS A 17 4.88 -5.20 0.24
N PRO A 18 4.18 -5.98 -0.60
CA PRO A 18 4.70 -6.41 -1.89
C PRO A 18 4.79 -5.27 -2.90
N GLY A 19 5.87 -4.50 -2.82
CA GLY A 19 6.06 -3.38 -3.72
C GLY A 19 6.18 -2.06 -3.00
N CYS A 20 6.48 -2.13 -1.71
CA CYS A 20 6.63 -0.93 -0.90
C CYS A 20 7.06 -1.28 0.52
N VAL A 21 7.10 -0.27 1.39
CA VAL A 21 7.50 -0.48 2.78
C VAL A 21 6.50 0.19 3.73
N HIS A 22 6.20 1.45 3.47
CA HIS A 22 5.27 2.21 4.31
C HIS A 22 4.37 3.09 3.46
N GLY A 23 3.47 3.82 4.11
CA GLY A 23 2.56 4.70 3.40
C GLY A 23 1.18 4.10 3.25
N ILE A 24 0.37 4.69 2.38
CA ILE A 24 -1.00 4.21 2.15
C ILE A 24 -1.25 3.98 0.67
N CYS A 25 -2.50 3.66 0.33
CA CYS A 25 -2.87 3.41 -1.06
C CYS A 25 -4.40 3.32 -1.19
N ASN A 26 -4.90 3.68 -2.37
CA ASN A 26 -6.33 3.63 -2.64
C ASN A 26 -6.65 2.62 -3.74
N GLU A 27 -5.67 2.38 -4.61
CA GLU A 27 -5.86 1.44 -5.71
C GLU A 27 -5.06 0.16 -5.47
N PRO A 28 -5.45 -0.92 -6.16
CA PRO A 28 -4.78 -2.22 -6.04
C PRO A 28 -3.37 -2.21 -6.64
N TRP A 29 -2.39 -2.62 -5.84
CA TRP A 29 -1.01 -2.67 -6.29
C TRP A 29 -0.50 -1.26 -6.62
N GLN A 30 -0.24 -0.47 -5.58
CA GLN A 30 0.26 0.89 -5.77
C GLN A 30 0.86 1.43 -4.48
N CYS A 31 1.38 2.65 -4.55
CA CYS A 31 1.99 3.28 -3.38
C CYS A 31 1.63 4.76 -3.30
N LEU A 32 1.33 5.22 -2.09
CA LEU A 32 0.96 6.62 -1.89
C LEU A 32 1.56 7.16 -0.60
N CYS A 33 2.61 7.97 -0.73
CA CYS A 33 3.28 8.56 0.42
C CYS A 33 3.48 10.05 0.23
N GLU A 34 3.83 10.74 1.32
CA GLU A 34 4.05 12.18 1.27
C GLU A 34 5.33 12.51 0.50
N THR A 35 5.59 13.80 0.33
CA THR A 35 6.78 14.25 -0.39
C THR A 35 8.03 14.01 0.42
N ASN A 36 7.88 13.97 1.73
CA ASN A 36 9.01 13.74 2.63
C ASN A 36 9.79 12.50 2.22
N TRP A 37 9.08 11.53 1.64
CA TRP A 37 9.71 10.28 1.20
C TRP A 37 10.31 10.44 -0.19
N GLY A 38 9.46 10.59 -1.19
CA GLY A 38 9.93 10.75 -2.55
C GLY A 38 10.13 9.43 -3.26
N GLY A 39 10.80 8.49 -2.59
CA GLY A 39 11.05 7.19 -3.18
C GLY A 39 9.77 6.43 -3.47
N GLN A 40 9.82 5.52 -4.43
CA GLN A 40 8.66 4.73 -4.81
C GLN A 40 8.23 3.81 -3.67
N LEU A 41 9.21 3.18 -3.02
CA LEU A 41 8.93 2.27 -1.91
C LEU A 41 8.46 3.05 -0.69
N CYS A 42 8.85 4.31 -0.60
CA CYS A 42 8.48 5.17 0.53
C CYS A 42 8.93 4.55 1.84
N ASP A 43 10.24 4.38 1.99
CA ASP A 43 10.81 3.80 3.20
C ASP A 43 11.72 4.80 3.91
N LYS A 44 12.22 4.41 5.07
CA LYS A 44 13.11 5.27 5.85
C LYS A 44 14.36 5.62 5.04
N ARG A 1 -16.96 -7.34 -0.29
CA ARG A 1 -16.63 -7.17 -1.70
C ARG A 1 -15.12 -7.13 -1.91
N CYS A 2 -14.45 -8.23 -1.58
CA CYS A 2 -13.01 -8.33 -1.72
C CYS A 2 -12.56 -9.79 -1.86
N GLN A 3 -11.37 -9.99 -2.41
CA GLN A 3 -10.84 -11.33 -2.60
C GLN A 3 -9.38 -11.27 -3.05
N TYR A 4 -9.14 -10.62 -4.18
CA TYR A 4 -7.78 -10.51 -4.72
C TYR A 4 -7.25 -9.09 -4.55
N GLY A 5 -5.98 -8.97 -4.19
CA GLY A 5 -5.38 -7.66 -4.00
C GLY A 5 -5.93 -6.94 -2.78
N TRP A 6 -6.46 -7.70 -1.84
CA TRP A 6 -7.03 -7.12 -0.63
C TRP A 6 -6.97 -8.11 0.53
N GLN A 7 -5.94 -7.99 1.36
CA GLN A 7 -5.76 -8.87 2.50
C GLN A 7 -6.15 -8.16 3.80
N GLY A 8 -5.84 -8.81 4.92
CA GLY A 8 -6.17 -8.23 6.21
C GLY A 8 -7.45 -8.79 6.80
N LEU A 9 -8.07 -8.04 7.70
CA LEU A 9 -9.32 -8.45 8.34
C LEU A 9 -10.52 -7.87 7.62
N TYR A 10 -10.58 -6.54 7.55
CA TYR A 10 -11.68 -5.85 6.89
C TYR A 10 -11.30 -5.47 5.46
N CYS A 11 -10.36 -6.21 4.88
CA CYS A 11 -9.91 -5.95 3.51
C CYS A 11 -9.51 -4.49 3.35
N ASP A 12 -8.54 -4.06 4.15
CA ASP A 12 -8.07 -2.67 4.08
C ASP A 12 -6.57 -2.63 3.82
N LYS A 13 -6.06 -3.65 3.12
CA LYS A 13 -4.64 -3.73 2.81
C LYS A 13 -4.42 -4.29 1.41
N CYS A 14 -3.72 -3.54 0.57
CA CYS A 14 -3.44 -3.96 -0.80
C CYS A 14 -2.05 -4.58 -0.90
N ILE A 15 -1.56 -5.10 0.22
CA ILE A 15 -0.24 -5.73 0.25
C ILE A 15 0.82 -4.81 -0.33
N PRO A 16 1.24 -3.81 0.46
CA PRO A 16 2.26 -2.84 0.05
C PRO A 16 3.64 -3.47 -0.07
N HIS A 17 3.84 -4.57 0.65
CA HIS A 17 5.13 -5.27 0.62
C HIS A 17 5.62 -5.48 -0.81
N PRO A 18 4.85 -6.25 -1.59
CA PRO A 18 5.18 -6.55 -2.99
C PRO A 18 5.03 -5.32 -3.88
N GLY A 19 6.06 -4.48 -3.91
CA GLY A 19 6.02 -3.28 -4.73
C GLY A 19 6.17 -2.01 -3.91
N CYS A 20 6.65 -2.15 -2.68
CA CYS A 20 6.84 -1.02 -1.81
C CYS A 20 7.41 -1.45 -0.45
N VAL A 21 7.50 -0.51 0.48
CA VAL A 21 8.02 -0.81 1.81
C VAL A 21 7.03 -0.40 2.89
N HIS A 22 6.71 0.89 2.94
CA HIS A 22 5.77 1.41 3.93
C HIS A 22 4.72 2.28 3.27
N GLY A 23 3.92 2.97 4.08
CA GLY A 23 2.87 3.83 3.56
C GLY A 23 1.54 3.12 3.47
N ILE A 24 0.54 3.82 2.94
CA ILE A 24 -0.80 3.26 2.80
C ILE A 24 -1.20 3.15 1.33
N CYS A 25 -2.44 2.72 1.09
CA CYS A 25 -2.95 2.57 -0.27
C CYS A 25 -4.46 2.40 -0.26
N ASN A 26 -5.11 2.94 -1.28
CA ASN A 26 -6.57 2.85 -1.41
C ASN A 26 -6.97 2.14 -2.69
N GLU A 27 -6.07 1.30 -3.20
CA GLU A 27 -6.33 0.55 -4.43
C GLU A 27 -5.52 -0.73 -4.47
N PRO A 28 -5.95 -1.68 -5.32
CA PRO A 28 -5.29 -2.98 -5.47
C PRO A 28 -3.93 -2.85 -6.15
N TRP A 29 -2.88 -3.30 -5.46
CA TRP A 29 -1.54 -3.24 -6.00
C TRP A 29 -1.11 -1.80 -6.24
N GLN A 30 -0.93 -1.05 -5.16
CA GLN A 30 -0.52 0.35 -5.24
C GLN A 30 0.22 0.78 -3.99
N CYS A 31 0.69 2.04 -3.98
CA CYS A 31 1.41 2.57 -2.84
C CYS A 31 1.22 4.08 -2.74
N LEU A 32 1.18 4.59 -1.51
CA LEU A 32 1.00 6.02 -1.27
C LEU A 32 1.77 6.46 -0.03
N CYS A 33 2.16 7.73 0.00
CA CYS A 33 2.89 8.29 1.13
C CYS A 33 2.96 9.80 1.04
N GLU A 34 3.04 10.45 2.19
CA GLU A 34 3.12 11.91 2.25
C GLU A 34 4.34 12.42 1.50
N THR A 35 4.36 13.72 1.22
CA THR A 35 5.46 14.34 0.51
C THR A 35 6.74 14.30 1.34
N ASN A 36 6.58 14.19 2.65
CA ASN A 36 7.72 14.13 3.56
C ASN A 36 8.23 12.71 3.72
N TRP A 37 8.49 12.05 2.59
CA TRP A 37 8.98 10.67 2.61
C TRP A 37 10.08 10.48 1.55
N GLY A 38 9.70 10.67 0.29
CA GLY A 38 10.66 10.50 -0.79
C GLY A 38 10.81 9.05 -1.22
N GLY A 39 11.61 8.81 -2.24
CA GLY A 39 11.82 7.47 -2.73
C GLY A 39 10.69 6.99 -3.62
N GLN A 40 10.91 5.87 -4.32
CA GLN A 40 9.90 5.32 -5.21
C GLN A 40 9.06 4.27 -4.48
N LEU A 41 9.64 3.66 -3.45
CA LEU A 41 8.93 2.65 -2.68
C LEU A 41 8.40 3.24 -1.37
N CYS A 42 8.20 4.54 -1.36
CA CYS A 42 7.69 5.22 -0.16
C CYS A 42 8.51 4.87 1.06
N ASP A 43 9.82 4.70 0.86
CA ASP A 43 10.72 4.36 1.96
C ASP A 43 11.38 5.61 2.53
N LYS A 44 11.64 5.60 3.83
CA LYS A 44 12.27 6.73 4.50
C LYS A 44 11.48 8.01 4.24
N ARG A 1 -16.57 -12.28 -1.00
CA ARG A 1 -16.90 -10.93 -1.46
C ARG A 1 -15.72 -10.30 -2.20
N CYS A 2 -14.61 -10.14 -1.50
CA CYS A 2 -13.41 -9.56 -2.10
C CYS A 2 -12.19 -10.42 -1.82
N GLN A 3 -11.53 -10.87 -2.89
CA GLN A 3 -10.35 -11.70 -2.77
C GLN A 3 -9.39 -11.46 -3.94
N TYR A 4 -9.08 -10.20 -4.19
CA TYR A 4 -8.17 -9.84 -5.28
C TYR A 4 -7.59 -8.45 -5.07
N GLY A 5 -6.33 -8.41 -4.63
CA GLY A 5 -5.67 -7.15 -4.40
C GLY A 5 -6.16 -6.46 -3.13
N TRP A 6 -6.73 -7.25 -2.23
CA TRP A 6 -7.24 -6.71 -0.97
C TRP A 6 -7.10 -7.73 0.16
N GLN A 7 -6.19 -7.45 1.09
CA GLN A 7 -5.96 -8.35 2.21
C GLN A 7 -6.24 -7.65 3.53
N GLY A 8 -5.88 -8.29 4.63
CA GLY A 8 -6.11 -7.72 5.95
C GLY A 8 -7.19 -8.45 6.72
N LEU A 9 -7.69 -7.83 7.79
CA LEU A 9 -8.72 -8.43 8.61
C LEU A 9 -9.98 -8.70 7.80
N TYR A 10 -10.28 -7.79 6.86
CA TYR A 10 -11.46 -7.93 6.02
C TYR A 10 -11.16 -7.50 4.58
N CYS A 11 -11.04 -6.19 4.39
CA CYS A 11 -10.75 -5.63 3.07
C CYS A 11 -10.54 -4.13 3.15
N ASP A 12 -9.31 -3.69 2.88
CA ASP A 12 -8.97 -2.28 2.92
C ASP A 12 -7.51 -2.06 2.51
N LYS A 13 -6.65 -2.99 2.91
CA LYS A 13 -5.23 -2.90 2.59
C LYS A 13 -4.95 -3.44 1.19
N CYS A 14 -4.23 -2.67 0.38
CA CYS A 14 -3.90 -3.07 -0.97
C CYS A 14 -2.50 -3.71 -1.02
N ILE A 15 -2.08 -4.28 0.09
CA ILE A 15 -0.77 -4.92 0.18
C ILE A 15 0.33 -3.96 -0.26
N PRO A 16 0.70 -3.04 0.64
CA PRO A 16 1.75 -2.05 0.37
C PRO A 16 3.14 -2.68 0.32
N HIS A 17 3.28 -3.83 0.95
CA HIS A 17 4.56 -4.54 0.97
C HIS A 17 5.15 -4.63 -0.43
N PRO A 18 4.44 -5.34 -1.33
CA PRO A 18 4.87 -5.52 -2.72
C PRO A 18 4.79 -4.23 -3.53
N GLY A 19 5.83 -3.39 -3.41
CA GLY A 19 5.85 -2.13 -4.13
C GLY A 19 5.86 -0.94 -3.21
N CYS A 20 6.09 -1.19 -1.93
CA CYS A 20 6.12 -0.11 -0.94
C CYS A 20 6.45 -0.66 0.46
N VAL A 21 6.65 0.25 1.41
CA VAL A 21 6.96 -0.15 2.78
C VAL A 21 6.02 0.52 3.78
N HIS A 22 6.14 1.84 3.89
CA HIS A 22 5.31 2.60 4.81
C HIS A 22 4.41 3.57 4.05
N GLY A 23 3.26 3.91 4.64
CA GLY A 23 2.34 4.83 4.00
C GLY A 23 0.92 4.28 3.96
N ILE A 24 0.19 4.63 2.90
CA ILE A 24 -1.18 4.18 2.74
C ILE A 24 -1.53 3.97 1.28
N CYS A 25 -2.80 3.67 1.01
CA CYS A 25 -3.26 3.44 -0.35
C CYS A 25 -4.77 3.25 -0.39
N ASN A 26 -5.40 3.71 -1.47
CA ASN A 26 -6.84 3.59 -1.62
C ASN A 26 -7.19 2.65 -2.77
N GLU A 27 -6.26 2.52 -3.72
CA GLU A 27 -6.47 1.64 -4.87
C GLU A 27 -5.60 0.40 -4.78
N PRO A 28 -5.97 -0.64 -5.53
CA PRO A 28 -5.24 -1.91 -5.55
C PRO A 28 -3.87 -1.78 -6.23
N TRP A 29 -2.84 -2.26 -5.55
CA TRP A 29 -1.48 -2.20 -6.09
C TRP A 29 -1.03 -0.76 -6.26
N GLN A 30 -0.59 -0.14 -5.18
CA GLN A 30 -0.13 1.24 -5.21
C GLN A 30 0.90 1.50 -4.11
N CYS A 31 1.40 2.74 -4.05
CA CYS A 31 2.38 3.12 -3.06
C CYS A 31 2.35 4.62 -2.80
N LEU A 32 1.72 5.01 -1.68
CA LEU A 32 1.61 6.42 -1.32
C LEU A 32 2.48 6.72 -0.11
N CYS A 33 2.95 7.96 -0.03
CA CYS A 33 3.79 8.40 1.08
C CYS A 33 4.11 9.88 0.98
N GLU A 34 4.49 10.49 2.10
CA GLU A 34 4.82 11.91 2.13
C GLU A 34 5.93 12.23 1.15
N THR A 35 5.93 13.46 0.65
CA THR A 35 6.95 13.90 -0.31
C THR A 35 8.35 13.74 0.26
N ASN A 36 8.49 13.96 1.57
CA ASN A 36 9.77 13.83 2.24
C ASN A 36 10.39 12.46 1.96
N TRP A 37 9.57 11.42 2.00
CA TRP A 37 10.04 10.07 1.76
C TRP A 37 10.73 9.96 0.40
N GLY A 38 11.85 9.25 0.37
CA GLY A 38 12.58 9.08 -0.88
C GLY A 38 12.51 7.67 -1.42
N GLY A 39 12.94 7.49 -2.66
CA GLY A 39 12.91 6.17 -3.27
C GLY A 39 11.64 5.94 -4.07
N GLN A 40 11.38 4.68 -4.42
CA GLN A 40 10.20 4.32 -5.18
C GLN A 40 9.19 3.58 -4.32
N LEU A 41 9.69 2.75 -3.41
CA LEU A 41 8.84 1.98 -2.51
C LEU A 41 8.66 2.69 -1.19
N CYS A 42 8.84 4.00 -1.19
CA CYS A 42 8.69 4.81 0.02
C CYS A 42 9.55 4.24 1.15
N ASP A 43 10.86 4.38 1.02
CA ASP A 43 11.79 3.88 2.03
C ASP A 43 12.74 4.98 2.50
N LYS A 44 13.31 4.80 3.68
CA LYS A 44 14.23 5.80 4.24
C LYS A 44 15.47 5.93 3.37
N ARG A 1 -17.30 -7.46 -3.30
CA ARG A 1 -16.18 -8.31 -3.68
C ARG A 1 -14.97 -8.05 -2.77
N CYS A 2 -14.48 -9.11 -2.14
CA CYS A 2 -13.34 -9.00 -1.25
C CYS A 2 -12.52 -10.29 -1.25
N GLN A 3 -11.64 -10.43 -2.24
CA GLN A 3 -10.80 -11.61 -2.36
C GLN A 3 -9.81 -11.47 -3.50
N TYR A 4 -9.22 -10.27 -3.63
CA TYR A 4 -8.26 -9.99 -4.68
C TYR A 4 -7.61 -8.63 -4.48
N GLY A 5 -6.36 -8.64 -4.05
CA GLY A 5 -5.64 -7.39 -3.82
C GLY A 5 -6.15 -6.65 -2.61
N TRP A 6 -6.67 -7.39 -1.63
CA TRP A 6 -7.19 -6.79 -0.41
C TRP A 6 -7.07 -7.74 0.77
N GLN A 7 -6.23 -7.37 1.74
CA GLN A 7 -6.02 -8.20 2.92
C GLN A 7 -6.30 -7.41 4.19
N GLY A 8 -6.01 -8.03 5.34
CA GLY A 8 -6.23 -7.37 6.61
C GLY A 8 -7.36 -8.00 7.40
N LEU A 9 -7.85 -7.30 8.40
CA LEU A 9 -8.94 -7.79 9.24
C LEU A 9 -10.12 -8.24 8.39
N TYR A 10 -10.41 -7.47 7.35
CA TYR A 10 -11.52 -7.79 6.46
C TYR A 10 -11.22 -7.35 5.03
N CYS A 11 -11.22 -6.03 4.82
CA CYS A 11 -10.93 -5.48 3.49
C CYS A 11 -10.67 -3.98 3.59
N ASP A 12 -9.41 -3.59 3.33
CA ASP A 12 -9.03 -2.19 3.38
C ASP A 12 -7.56 -2.01 3.01
N LYS A 13 -6.74 -2.98 3.40
CA LYS A 13 -5.31 -2.94 3.12
C LYS A 13 -5.03 -3.49 1.72
N CYS A 14 -4.29 -2.73 0.92
CA CYS A 14 -3.94 -3.13 -0.42
C CYS A 14 -2.56 -3.78 -0.46
N ILE A 15 -2.14 -4.34 0.67
CA ILE A 15 -0.84 -4.98 0.77
C ILE A 15 0.28 -4.04 0.33
N PRO A 16 0.64 -3.09 1.22
CA PRO A 16 1.69 -2.12 0.94
C PRO A 16 3.08 -2.76 0.90
N HIS A 17 3.21 -3.91 1.56
CA HIS A 17 4.49 -4.61 1.59
C HIS A 17 5.09 -4.74 0.20
N PRO A 18 4.39 -5.45 -0.69
CA PRO A 18 4.83 -5.65 -2.07
C PRO A 18 4.76 -4.37 -2.89
N GLY A 19 5.81 -3.55 -2.79
CA GLY A 19 5.84 -2.31 -3.53
C GLY A 19 5.83 -1.09 -2.63
N CYS A 20 6.03 -1.32 -1.33
CA CYS A 20 6.06 -0.23 -0.36
C CYS A 20 6.35 -0.76 1.04
N VAL A 21 6.50 0.15 2.00
CA VAL A 21 6.78 -0.22 3.38
C VAL A 21 5.83 0.49 4.34
N HIS A 22 5.82 1.82 4.28
CA HIS A 22 4.96 2.61 5.15
C HIS A 22 4.06 3.54 4.32
N GLY A 23 3.09 4.15 4.99
CA GLY A 23 2.17 5.05 4.31
C GLY A 23 0.76 4.51 4.25
N ILE A 24 0.04 4.84 3.18
CA ILE A 24 -1.34 4.38 3.02
C ILE A 24 -1.65 4.11 1.55
N CYS A 25 -2.90 3.74 1.28
CA CYS A 25 -3.32 3.45 -0.08
C CYS A 25 -4.83 3.25 -0.15
N ASN A 26 -5.43 3.63 -1.28
CA ASN A 26 -6.87 3.50 -1.46
C ASN A 26 -7.19 2.51 -2.57
N GLU A 27 -6.25 2.33 -3.49
CA GLU A 27 -6.43 1.40 -4.60
C GLU A 27 -5.54 0.17 -4.43
N PRO A 28 -5.89 -0.91 -5.13
CA PRO A 28 -5.14 -2.17 -5.08
C PRO A 28 -3.78 -2.06 -5.74
N TRP A 29 -2.75 -2.52 -5.04
CA TRP A 29 -1.38 -2.47 -5.57
C TRP A 29 -0.94 -1.04 -5.78
N GLN A 30 -0.57 -0.36 -4.70
CA GLN A 30 -0.12 1.02 -4.76
C GLN A 30 0.90 1.31 -3.67
N CYS A 31 1.36 2.57 -3.61
CA CYS A 31 2.34 2.98 -2.62
C CYS A 31 2.32 4.49 -2.44
N LEU A 32 1.71 4.94 -1.34
CA LEU A 32 1.62 6.37 -1.05
C LEU A 32 2.41 6.71 0.20
N CYS A 33 2.80 7.98 0.32
CA CYS A 33 3.56 8.45 1.48
C CYS A 33 3.82 9.94 1.40
N GLU A 34 4.23 10.53 2.51
CA GLU A 34 4.51 11.97 2.56
C GLU A 34 5.72 12.31 1.70
N THR A 35 5.98 13.60 1.55
CA THR A 35 7.11 14.08 0.75
C THR A 35 8.43 13.83 1.47
N ASN A 36 8.38 13.80 2.80
CA ASN A 36 9.58 13.57 3.60
C ASN A 36 10.26 12.27 3.20
N TRP A 37 9.47 11.31 2.73
CA TRP A 37 10.01 10.02 2.31
C TRP A 37 10.76 10.14 0.99
N GLY A 38 10.02 10.38 -0.09
CA GLY A 38 10.64 10.51 -1.39
C GLY A 38 11.38 9.26 -1.82
N GLY A 39 10.73 8.42 -2.61
CA GLY A 39 11.36 7.20 -3.08
C GLY A 39 10.45 6.37 -3.96
N GLN A 40 10.78 5.10 -4.14
CA GLN A 40 9.99 4.21 -4.97
C GLN A 40 9.03 3.38 -4.13
N LEU A 41 9.52 2.92 -2.97
CA LEU A 41 8.71 2.11 -2.07
C LEU A 41 8.52 2.82 -0.73
N CYS A 42 8.69 4.14 -0.74
CA CYS A 42 8.53 4.93 0.47
C CYS A 42 9.36 4.37 1.62
N ASP A 43 10.61 4.05 1.32
CA ASP A 43 11.52 3.50 2.32
C ASP A 43 12.51 4.55 2.81
N LYS A 44 12.83 5.50 1.92
CA LYS A 44 13.76 6.57 2.26
C LYS A 44 13.04 7.89 2.44
N ARG A 1 -17.18 -11.60 -1.41
CA ARG A 1 -16.46 -11.74 -2.67
C ARG A 1 -15.29 -10.76 -2.73
N CYS A 2 -14.50 -10.72 -1.66
CA CYS A 2 -13.34 -9.84 -1.60
C CYS A 2 -12.07 -10.62 -1.29
N GLN A 3 -11.43 -11.13 -2.34
CA GLN A 3 -10.20 -11.90 -2.19
C GLN A 3 -9.23 -11.60 -3.33
N TYR A 4 -8.88 -10.33 -3.48
CA TYR A 4 -7.94 -9.91 -4.53
C TYR A 4 -7.51 -8.46 -4.33
N GLY A 5 -6.24 -8.29 -3.97
CA GLY A 5 -5.72 -6.95 -3.75
C GLY A 5 -6.36 -6.26 -2.56
N TRP A 6 -6.86 -7.06 -1.63
CA TRP A 6 -7.50 -6.52 -0.42
C TRP A 6 -7.43 -7.52 0.73
N GLN A 7 -6.30 -7.52 1.42
CA GLN A 7 -6.10 -8.43 2.55
C GLN A 7 -6.46 -7.75 3.87
N GLY A 8 -6.14 -8.40 4.97
CA GLY A 8 -6.43 -7.85 6.28
C GLY A 8 -7.62 -8.52 6.94
N LEU A 9 -8.64 -7.73 7.25
CA LEU A 9 -9.85 -8.26 7.90
C LEU A 9 -11.10 -7.83 7.14
N TYR A 10 -11.24 -6.53 6.94
CA TYR A 10 -12.39 -5.98 6.23
C TYR A 10 -11.97 -5.38 4.89
N CYS A 11 -10.94 -5.96 4.28
CA CYS A 11 -10.45 -5.50 3.00
C CYS A 11 -10.16 -3.99 3.04
N ASP A 12 -9.15 -3.61 3.81
CA ASP A 12 -8.79 -2.21 3.94
C ASP A 12 -7.36 -1.97 3.45
N LYS A 13 -6.51 -2.99 3.62
CA LYS A 13 -5.11 -2.90 3.18
C LYS A 13 -4.95 -3.41 1.76
N CYS A 14 -4.27 -2.63 0.93
CA CYS A 14 -4.04 -3.00 -0.47
C CYS A 14 -2.65 -3.61 -0.64
N ILE A 15 -2.13 -4.21 0.43
CA ILE A 15 -0.81 -4.84 0.39
C ILE A 15 0.24 -3.86 -0.10
N PRO A 16 0.66 -2.94 0.79
CA PRO A 16 1.67 -1.94 0.47
C PRO A 16 3.06 -2.55 0.29
N HIS A 17 3.27 -3.73 0.87
CA HIS A 17 4.55 -4.42 0.78
C HIS A 17 5.03 -4.47 -0.67
N PRO A 18 4.26 -5.16 -1.53
CA PRO A 18 4.59 -5.30 -2.94
C PRO A 18 4.44 -3.99 -3.71
N GLY A 19 5.47 -3.14 -3.65
CA GLY A 19 5.42 -1.88 -4.34
C GLY A 19 5.48 -0.69 -3.39
N CYS A 20 5.85 -0.97 -2.14
CA CYS A 20 5.94 0.08 -1.13
C CYS A 20 6.39 -0.50 0.21
N VAL A 21 6.54 0.38 1.20
CA VAL A 21 6.97 -0.05 2.53
C VAL A 21 6.10 0.59 3.61
N HIS A 22 6.02 1.91 3.59
CA HIS A 22 5.23 2.66 4.57
C HIS A 22 4.24 3.59 3.88
N GLY A 23 3.34 4.17 4.66
CA GLY A 23 2.35 5.07 4.10
C GLY A 23 0.94 4.51 4.16
N ILE A 24 0.14 4.82 3.15
CA ILE A 24 -1.24 4.34 3.11
C ILE A 24 -1.69 4.12 1.66
N CYS A 25 -2.96 3.77 1.50
CA CYS A 25 -3.52 3.54 0.17
C CYS A 25 -5.02 3.30 0.25
N ASN A 26 -5.75 3.75 -0.76
CA ASN A 26 -7.20 3.59 -0.80
C ASN A 26 -7.60 2.65 -1.93
N GLU A 27 -6.76 2.55 -2.95
CA GLU A 27 -7.04 1.68 -4.08
C GLU A 27 -6.13 0.45 -4.05
N PRO A 28 -6.54 -0.60 -4.79
CA PRO A 28 -5.77 -1.86 -4.86
C PRO A 28 -4.47 -1.69 -5.63
N TRP A 29 -3.38 -2.16 -5.04
CA TRP A 29 -2.07 -2.07 -5.68
C TRP A 29 -1.66 -0.62 -5.88
N GLN A 30 -1.15 -0.01 -4.81
CA GLN A 30 -0.72 1.38 -4.86
C GLN A 30 0.42 1.64 -3.89
N CYS A 31 0.86 2.89 -3.82
CA CYS A 31 1.96 3.28 -2.93
C CYS A 31 1.96 4.78 -2.67
N LEU A 32 1.41 5.18 -1.53
CA LEU A 32 1.35 6.59 -1.18
C LEU A 32 2.28 6.90 0.00
N CYS A 33 2.75 8.14 0.07
CA CYS A 33 3.63 8.56 1.15
C CYS A 33 4.00 10.03 1.01
N GLU A 34 4.38 10.65 2.12
CA GLU A 34 4.75 12.06 2.12
C GLU A 34 5.92 12.31 1.16
N THR A 35 5.92 13.50 0.56
CA THR A 35 6.98 13.86 -0.37
C THR A 35 8.36 13.77 0.28
N ASN A 36 8.40 13.96 1.59
CA ASN A 36 9.65 13.89 2.33
C ASN A 36 10.39 12.60 2.05
N TRP A 37 9.64 11.50 1.95
CA TRP A 37 10.23 10.20 1.67
C TRP A 37 11.04 10.23 0.39
N GLY A 38 11.98 9.29 0.25
CA GLY A 38 12.80 9.24 -0.94
C GLY A 38 12.88 7.83 -1.52
N GLY A 39 12.07 7.57 -2.52
CA GLY A 39 12.06 6.25 -3.15
C GLY A 39 10.72 5.92 -3.79
N GLN A 40 10.76 5.08 -4.81
CA GLN A 40 9.54 4.68 -5.51
C GLN A 40 8.63 3.87 -4.59
N LEU A 41 9.23 3.05 -3.74
CA LEU A 41 8.47 2.22 -2.80
C LEU A 41 8.37 2.90 -1.43
N CYS A 42 8.46 4.22 -1.42
CA CYS A 42 8.39 4.98 -0.18
C CYS A 42 9.37 4.44 0.85
N ASP A 43 10.64 4.42 0.49
CA ASP A 43 11.69 3.93 1.39
C ASP A 43 12.69 5.04 1.71
N LYS A 44 13.62 4.73 2.61
CA LYS A 44 14.64 5.70 3.01
C LYS A 44 15.79 5.72 2.01
N ARG A 1 -14.11 -12.65 3.59
CA ARG A 1 -13.66 -13.05 2.25
C ARG A 1 -13.58 -11.85 1.32
N CYS A 2 -12.38 -11.56 0.83
CA CYS A 2 -12.18 -10.44 -0.08
C CYS A 2 -11.83 -10.93 -1.49
N GLN A 3 -11.48 -9.99 -2.36
CA GLN A 3 -11.11 -10.33 -3.73
C GLN A 3 -9.62 -10.11 -3.97
N TYR A 4 -9.20 -10.23 -5.23
CA TYR A 4 -7.80 -10.05 -5.58
C TYR A 4 -7.40 -8.58 -5.50
N GLY A 5 -6.20 -8.33 -4.98
CA GLY A 5 -5.71 -6.96 -4.86
C GLY A 5 -6.39 -6.21 -3.74
N TRP A 6 -6.99 -6.95 -2.81
CA TRP A 6 -7.69 -6.34 -1.67
C TRP A 6 -7.73 -7.30 -0.49
N GLN A 7 -6.72 -7.20 0.38
CA GLN A 7 -6.64 -8.05 1.56
C GLN A 7 -7.04 -7.28 2.81
N GLY A 8 -6.80 -7.90 3.98
CA GLY A 8 -7.13 -7.25 5.23
C GLY A 8 -8.36 -7.87 5.89
N LEU A 9 -8.72 -7.35 7.06
CA LEU A 9 -9.86 -7.86 7.80
C LEU A 9 -11.17 -7.44 7.13
N TYR A 10 -11.33 -6.13 6.93
CA TYR A 10 -12.53 -5.60 6.30
C TYR A 10 -12.27 -5.25 4.84
N CYS A 11 -11.30 -5.93 4.24
CA CYS A 11 -10.95 -5.70 2.84
C CYS A 11 -10.61 -4.23 2.61
N ASP A 12 -9.73 -3.69 3.46
CA ASP A 12 -9.32 -2.29 3.35
C ASP A 12 -7.81 -2.19 3.24
N LYS A 13 -7.24 -2.84 2.22
CA LYS A 13 -5.80 -2.83 2.01
C LYS A 13 -5.45 -3.37 0.63
N CYS A 14 -4.69 -2.59 -0.13
CA CYS A 14 -4.28 -3.00 -1.47
C CYS A 14 -2.89 -3.64 -1.45
N ILE A 15 -2.52 -4.20 -0.31
CA ILE A 15 -1.23 -4.85 -0.15
C ILE A 15 -0.09 -3.91 -0.54
N PRO A 16 0.22 -2.97 0.36
CA PRO A 16 1.29 -1.99 0.14
C PRO A 16 2.67 -2.62 0.16
N HIS A 17 2.78 -3.77 0.82
CA HIS A 17 4.05 -4.48 0.92
C HIS A 17 4.72 -4.59 -0.45
N PRO A 18 4.05 -5.31 -1.37
CA PRO A 18 4.57 -5.51 -2.73
C PRO A 18 4.54 -4.22 -3.56
N GLY A 19 5.52 -3.36 -3.34
CA GLY A 19 5.59 -2.10 -4.06
C GLY A 19 5.58 -0.90 -3.15
N CYS A 20 5.77 -1.14 -1.85
CA CYS A 20 5.77 -0.06 -0.87
C CYS A 20 6.07 -0.60 0.53
N VAL A 21 6.46 0.29 1.43
CA VAL A 21 6.79 -0.09 2.79
C VAL A 21 5.82 0.56 3.79
N HIS A 22 5.64 1.87 3.66
CA HIS A 22 4.74 2.60 4.54
C HIS A 22 3.83 3.52 3.75
N GLY A 23 2.80 4.05 4.41
CA GLY A 23 1.87 4.93 3.74
C GLY A 23 0.48 4.33 3.62
N ILE A 24 -0.26 4.76 2.60
CA ILE A 24 -1.61 4.26 2.37
C ILE A 24 -1.88 4.07 0.88
N CYS A 25 -3.12 3.73 0.55
CA CYS A 25 -3.51 3.52 -0.83
C CYS A 25 -5.02 3.36 -0.96
N ASN A 26 -5.57 3.86 -2.07
CA ASN A 26 -7.01 3.78 -2.30
C ASN A 26 -7.32 2.85 -3.47
N GLU A 27 -6.34 2.67 -4.35
CA GLU A 27 -6.50 1.81 -5.52
C GLU A 27 -5.67 0.55 -5.39
N PRO A 28 -6.01 -0.48 -6.16
CA PRO A 28 -5.30 -1.77 -6.15
C PRO A 28 -3.90 -1.66 -6.76
N TRP A 29 -2.91 -2.15 -6.02
CA TRP A 29 -1.53 -2.10 -6.49
C TRP A 29 -1.05 -0.67 -6.65
N GLN A 30 -0.61 -0.06 -5.55
CA GLN A 30 -0.12 1.32 -5.57
C GLN A 30 0.73 1.61 -4.34
N CYS A 31 1.30 2.81 -4.30
CA CYS A 31 2.14 3.21 -3.18
C CYS A 31 2.05 4.72 -2.96
N LEU A 32 1.73 5.12 -1.74
CA LEU A 32 1.63 6.53 -1.40
C LEU A 32 2.55 6.89 -0.24
N CYS A 33 2.89 8.17 -0.14
CA CYS A 33 3.78 8.65 0.92
C CYS A 33 3.89 10.17 0.90
N GLU A 34 4.71 10.71 1.78
CA GLU A 34 4.91 12.15 1.86
C GLU A 34 6.13 12.58 1.05
N THR A 35 6.24 13.89 0.80
CA THR A 35 7.36 14.43 0.03
C THR A 35 8.69 14.01 0.64
N ASN A 36 8.77 14.08 1.97
CA ASN A 36 10.00 13.72 2.67
C ASN A 36 10.45 12.31 2.29
N TRP A 37 9.48 11.44 2.04
CA TRP A 37 9.76 10.06 1.66
C TRP A 37 10.28 9.97 0.23
N GLY A 38 11.42 9.31 0.06
CA GLY A 38 12.00 9.17 -1.27
C GLY A 38 12.03 7.73 -1.74
N GLY A 39 12.94 7.44 -2.67
CA GLY A 39 13.04 6.09 -3.19
C GLY A 39 11.99 5.79 -4.25
N GLN A 40 11.73 4.51 -4.47
CA GLN A 40 10.74 4.09 -5.45
C GLN A 40 9.52 3.46 -4.77
N LEU A 41 9.74 2.88 -3.60
CA LEU A 41 8.67 2.24 -2.86
C LEU A 41 8.38 3.00 -1.57
N CYS A 42 8.70 4.29 -1.56
CA CYS A 42 8.48 5.12 -0.39
C CYS A 42 9.09 4.50 0.86
N ASP A 43 10.36 4.77 1.09
CA ASP A 43 11.06 4.23 2.26
C ASP A 43 12.01 5.26 2.85
N LYS A 44 12.24 5.17 4.15
CA LYS A 44 13.13 6.10 4.84
C LYS A 44 14.53 6.06 4.23
#